data_1O0V
#
_entry.id   1O0V
#
_cell.length_a   129.31
_cell.length_b   74.83
_cell.length_c   78.65
_cell.angle_alpha   90
_cell.angle_beta   90
_cell.angle_gamma   90
#
_symmetry.space_group_name_H-M   'P 21 21 2'
#
loop_
_entity.id
_entity.type
_entity.pdbx_description
1 polymer 'Immunoglobulin heavy chain epsilon-1'
2 branched alpha-D-mannopyranose-(1-3)-[alpha-D-mannopyranose-(1-6)]alpha-D-mannopyranose-(1-6)-[alpha-D-mannopyranose-(1-3)]beta-D-mannopyranose-(1-4)-2-acetamido-2-deoxy-beta-D-glucopyranose-(1-4)-2-acetamido-2-deoxy-beta-D-glucopyranose
3 branched alpha-D-mannopyranose-(1-3)-[beta-D-mannopyranose-(1-6)]alpha-D-mannopyranose-(1-6)-[alpha-D-mannopyranose-(1-3)]beta-D-mannopyranose-(1-4)-2-acetamido-2-deoxy-beta-D-glucopyranose-(1-4)-2-acetamido-2-deoxy-beta-D-glucopyranose
4 non-polymer 'SULFATE ION'
5 non-polymer GLYCEROL
6 water water
#
_entity_poly.entity_id   1
_entity_poly.type   'polypeptide(L)'
_entity_poly.pdbx_seq_one_letter_code
;DIVASRDFTPPTVKILQSSCDGGGHFPPTIQLLCLVSGYTPGTIQITWLEDGQVMDVDLSTASTTQEGELASTQSELTLS
QKHWLSDRTYTCQVTYQGHTFEDSTKKCADSNPRGVSAYLSRPSPFDLFIRKSPTITCLVVDLAPSKGTVQLTWSRASGK
PVNHSTRKEEKQRNGTLTVTSTLPVGTRDWIEGETYQCRVTHPHLPRALMRSTTKTSGPRAAPEVYAFATPEWPGSRDKR
TLACLIQNFMPEDISVQWLHNEVQLPDARHSTTQPRKTKGSGFFVFSRLEVTRAEWEQKDEFICRAVHEAASPSQTVQRA
VSVNPGL
;
_entity_poly.pdbx_strand_id   A,B
#
loop_
_chem_comp.id
_chem_comp.type
_chem_comp.name
_chem_comp.formula
BMA D-saccharide, beta linking beta-D-mannopyranose 'C6 H12 O6'
GOL non-polymer GLYCEROL 'C3 H8 O3'
MAN D-saccharide, alpha linking alpha-D-mannopyranose 'C6 H12 O6'
NAG D-saccharide, beta linking 2-acetamido-2-deoxy-beta-D-glucopyranose 'C8 H15 N O6'
SO4 non-polymer 'SULFATE ION' 'O4 S -2'
#
# COMPACT_ATOMS: atom_id res chain seq x y z
N ASP A 7 -21.03 19.85 -28.78
CA ASP A 7 -20.15 19.34 -29.88
C ASP A 7 -18.80 20.04 -29.83
N PHE A 8 -18.80 21.30 -29.40
CA PHE A 8 -17.55 22.05 -29.29
C PHE A 8 -16.81 21.46 -28.11
N THR A 9 -15.50 21.38 -28.21
CA THR A 9 -14.73 20.85 -27.12
C THR A 9 -13.58 21.82 -26.90
N PRO A 10 -13.64 22.58 -25.80
CA PRO A 10 -12.58 23.54 -25.51
C PRO A 10 -11.29 22.77 -25.27
N PRO A 11 -10.15 23.42 -25.50
CA PRO A 11 -8.89 22.73 -25.27
C PRO A 11 -8.67 22.56 -23.77
N THR A 12 -8.04 21.44 -23.40
CA THR A 12 -7.75 21.16 -22.01
C THR A 12 -6.25 20.95 -21.87
N VAL A 13 -5.66 21.66 -20.91
CA VAL A 13 -4.23 21.62 -20.67
C VAL A 13 -3.80 20.79 -19.45
N LYS A 14 -2.78 19.95 -19.65
CA LYS A 14 -2.25 19.12 -18.56
C LYS A 14 -0.78 18.83 -18.85
N ILE A 15 0.02 18.76 -17.80
CA ILE A 15 1.45 18.53 -17.92
C ILE A 15 1.91 17.23 -17.29
N LEU A 16 2.71 16.49 -18.05
CA LEU A 16 3.26 15.23 -17.58
C LEU A 16 4.77 15.46 -17.46
N GLN A 17 5.43 14.66 -16.64
CA GLN A 17 6.86 14.85 -16.48
C GLN A 17 7.62 13.55 -16.39
N SER A 18 8.92 13.63 -16.61
CA SER A 18 9.80 12.49 -16.52
C SER A 18 9.66 11.94 -15.11
N SER A 19 9.59 10.62 -14.98
CA SER A 19 9.44 9.99 -13.67
C SER A 19 10.80 9.72 -13.00
N CYS A 20 10.79 9.43 -11.71
CA CYS A 20 12.04 9.17 -11.02
C CYS A 20 12.54 7.73 -11.07
N ASP A 21 13.83 7.58 -10.76
CA ASP A 21 14.52 6.29 -10.73
C ASP A 21 13.61 5.30 -10.01
N GLY A 22 13.88 4.01 -10.17
CA GLY A 22 13.10 3.04 -9.44
C GLY A 22 13.49 3.27 -7.99
N GLY A 23 14.53 4.08 -7.81
CA GLY A 23 15.03 4.41 -6.49
C GLY A 23 14.78 5.87 -6.19
N GLY A 24 13.78 6.45 -6.85
CA GLY A 24 13.41 7.84 -6.63
C GLY A 24 14.42 8.89 -7.02
N HIS A 25 15.30 8.56 -7.96
CA HIS A 25 16.32 9.51 -8.39
C HIS A 25 15.89 10.27 -9.63
N PHE A 26 16.26 11.54 -9.68
CA PHE A 26 15.90 12.34 -10.84
C PHE A 26 16.82 11.99 -11.99
N PRO A 27 16.30 12.08 -13.22
CA PRO A 27 17.04 11.78 -14.46
C PRO A 27 18.00 12.92 -14.73
N PRO A 28 18.98 12.70 -15.61
CA PRO A 28 19.93 13.77 -15.91
C PRO A 28 19.17 15.02 -16.37
N THR A 29 18.15 14.80 -17.20
CA THR A 29 17.32 15.89 -17.69
C THR A 29 15.85 15.58 -17.44
N ILE A 30 15.07 16.63 -17.27
CA ILE A 30 13.63 16.51 -17.02
C ILE A 30 12.83 17.03 -18.21
N GLN A 31 11.98 16.18 -18.77
CA GLN A 31 11.14 16.60 -19.87
C GLN A 31 9.75 16.91 -19.32
N LEU A 32 9.18 18.02 -19.79
CA LEU A 32 7.82 18.38 -19.39
C LEU A 32 7.00 18.29 -20.67
N LEU A 33 6.09 17.33 -20.72
CA LEU A 33 5.27 17.17 -21.89
C LEU A 33 3.91 17.81 -21.65
N CYS A 34 3.61 18.86 -22.41
CA CYS A 34 2.31 19.53 -22.28
C CYS A 34 1.33 18.98 -23.29
N LEU A 35 0.17 18.56 -22.81
CA LEU A 35 -0.87 17.98 -23.66
C LEU A 35 -2.15 18.78 -23.73
N VAL A 36 -2.56 19.09 -24.95
CA VAL A 36 -3.81 19.81 -25.15
C VAL A 36 -4.59 18.80 -25.97
N SER A 37 -5.27 17.91 -25.27
CA SER A 37 -5.99 16.85 -25.93
C SER A 37 -7.42 17.13 -26.32
N GLY A 38 -7.90 16.30 -27.24
CA GLY A 38 -9.24 16.36 -27.78
C GLY A 38 -10.01 17.68 -27.70
N TYR A 39 -9.75 18.58 -28.63
CA TYR A 39 -10.47 19.84 -28.63
C TYR A 39 -10.85 20.19 -30.06
N THR A 40 -11.91 20.99 -30.20
CA THR A 40 -12.39 21.41 -31.50
C THR A 40 -11.26 22.15 -32.21
N PRO A 41 -10.77 21.61 -33.32
CA PRO A 41 -9.68 22.20 -34.11
C PRO A 41 -9.80 23.72 -34.18
N GLY A 42 -8.66 24.41 -34.23
CA GLY A 42 -8.69 25.87 -34.30
C GLY A 42 -7.29 26.42 -34.20
N THR A 43 -7.15 27.75 -34.25
CA THR A 43 -5.83 28.35 -34.13
C THR A 43 -5.36 28.09 -32.70
N ILE A 44 -4.15 27.56 -32.58
CA ILE A 44 -3.61 27.26 -31.28
C ILE A 44 -2.13 27.60 -31.25
N GLN A 45 -1.62 27.87 -30.06
CA GLN A 45 -0.21 28.15 -29.90
C GLN A 45 0.19 27.69 -28.51
N ILE A 46 1.40 27.15 -28.38
CA ILE A 46 1.86 26.72 -27.07
C ILE A 46 3.15 27.39 -26.70
N THR A 47 3.16 28.06 -25.55
CA THR A 47 4.32 28.77 -25.03
C THR A 47 4.67 28.30 -23.62
N TRP A 48 5.95 28.28 -23.29
CA TRP A 48 6.39 27.88 -21.95
C TRP A 48 6.92 29.07 -21.16
N LEU A 49 6.57 29.12 -19.88
CA LEU A 49 7.05 30.19 -19.03
C LEU A 49 7.85 29.59 -17.89
N GLU A 50 8.94 30.25 -17.54
CA GLU A 50 9.79 29.82 -16.44
C GLU A 50 9.69 31.00 -15.49
N ASP A 51 9.07 30.79 -14.32
CA ASP A 51 8.87 31.85 -13.35
C ASP A 51 8.26 33.10 -14.00
N GLY A 52 7.15 32.91 -14.69
CA GLY A 52 6.45 34.01 -15.32
C GLY A 52 6.98 34.57 -16.62
N GLN A 53 8.13 34.09 -17.08
CA GLN A 53 8.76 34.57 -18.31
C GLN A 53 8.75 33.59 -19.48
N VAL A 54 8.60 34.11 -20.68
CA VAL A 54 8.58 33.29 -21.89
C VAL A 54 9.95 32.71 -22.22
N MET A 55 9.99 31.39 -22.40
CA MET A 55 11.22 30.68 -22.72
C MET A 55 11.54 30.64 -24.21
N ASP A 56 12.84 30.49 -24.51
CA ASP A 56 13.33 30.41 -25.88
C ASP A 56 12.59 29.33 -26.69
N VAL A 57 12.10 29.72 -27.87
CA VAL A 57 11.37 28.81 -28.75
C VAL A 57 12.15 27.55 -29.08
N ASP A 58 13.48 27.68 -29.14
CA ASP A 58 14.36 26.56 -29.46
C ASP A 58 14.36 25.44 -28.43
N LEU A 59 13.83 25.73 -27.25
CA LEU A 59 13.79 24.78 -26.14
C LEU A 59 12.62 23.77 -26.11
N SER A 60 11.54 24.09 -26.81
CA SER A 60 10.37 23.21 -26.81
C SER A 60 9.90 22.88 -28.22
N THR A 61 9.66 21.60 -28.45
CA THR A 61 9.21 21.10 -29.73
C THR A 61 7.70 20.82 -29.67
N ALA A 62 6.92 21.48 -30.53
CA ALA A 62 5.46 21.31 -30.54
C ALA A 62 4.89 20.73 -31.83
N SER A 63 3.89 19.87 -31.66
CA SER A 63 3.24 19.21 -32.78
C SER A 63 1.77 18.98 -32.50
N THR A 64 0.95 19.12 -33.53
CA THR A 64 -0.47 18.89 -33.38
C THR A 64 -0.97 17.97 -34.47
N THR A 65 -1.88 17.08 -34.11
CA THR A 65 -2.44 16.12 -35.04
C THR A 65 -3.94 16.03 -34.84
N GLN A 66 -4.65 15.60 -35.86
CA GLN A 66 -6.09 15.46 -35.70
C GLN A 66 -6.55 14.05 -35.95
N GLU A 67 -7.72 13.72 -35.39
CA GLU A 67 -8.32 12.43 -35.56
C GLU A 67 -9.82 12.65 -35.48
N GLY A 68 -10.49 12.50 -36.61
CA GLY A 68 -11.92 12.67 -36.63
C GLY A 68 -12.35 14.10 -36.43
N GLU A 69 -13.30 14.31 -35.52
CA GLU A 69 -13.85 15.62 -35.24
C GLU A 69 -13.01 16.49 -34.31
N LEU A 70 -12.05 15.90 -33.63
CA LEU A 70 -11.23 16.65 -32.71
C LEU A 70 -9.74 16.60 -33.03
N ALA A 71 -9.03 17.62 -32.55
CA ALA A 71 -7.60 17.74 -32.75
C ALA A 71 -6.89 17.61 -31.42
N SER A 72 -5.62 17.22 -31.46
CA SER A 72 -4.84 17.08 -30.25
C SER A 72 -3.41 17.56 -30.50
N THR A 73 -2.88 18.32 -29.56
CA THR A 73 -1.52 18.81 -29.71
C THR A 73 -0.70 18.69 -28.42
N GLN A 74 0.62 18.57 -28.57
CA GLN A 74 1.53 18.44 -27.44
C GLN A 74 2.82 19.22 -27.60
N SER A 75 3.46 19.55 -26.49
CA SER A 75 4.71 20.29 -26.53
C SER A 75 5.67 19.77 -25.49
N GLU A 76 6.88 19.44 -25.92
CA GLU A 76 7.85 18.93 -24.98
C GLU A 76 8.98 19.88 -24.70
N LEU A 77 9.23 20.08 -23.42
CA LEU A 77 10.26 20.96 -22.93
C LEU A 77 11.26 20.15 -22.12
N THR A 78 12.54 20.35 -22.37
CA THR A 78 13.60 19.63 -21.64
C THR A 78 14.26 20.61 -20.66
N LEU A 79 14.45 20.18 -19.41
CA LEU A 79 15.06 21.00 -18.39
C LEU A 79 16.30 20.34 -17.83
N SER A 80 17.25 21.14 -17.36
CA SER A 80 18.44 20.58 -16.76
C SER A 80 17.95 20.19 -15.37
N GLN A 81 18.42 19.06 -14.88
CA GLN A 81 18.00 18.59 -13.57
C GLN A 81 18.28 19.68 -12.54
N LYS A 82 19.38 20.41 -12.74
CA LYS A 82 19.72 21.48 -11.82
C LYS A 82 18.61 22.51 -11.79
N HIS A 83 18.11 22.89 -12.96
CA HIS A 83 17.03 23.88 -13.07
C HIS A 83 15.73 23.38 -12.46
N TRP A 84 15.36 22.15 -12.78
CA TRP A 84 14.13 21.59 -12.25
C TRP A 84 14.18 21.56 -10.73
N LEU A 85 15.35 21.26 -10.19
CA LEU A 85 15.52 21.15 -8.74
C LEU A 85 15.60 22.50 -8.02
N SER A 86 15.78 23.59 -8.76
CA SER A 86 15.89 24.92 -8.17
C SER A 86 14.53 25.49 -7.78
N ASP A 87 13.48 24.70 -7.97
CA ASP A 87 12.13 25.12 -7.66
C ASP A 87 11.56 26.21 -8.55
N ARG A 88 12.08 26.32 -9.77
CA ARG A 88 11.55 27.30 -10.70
C ARG A 88 10.21 26.76 -11.17
N THR A 89 9.25 27.65 -11.41
CA THR A 89 7.94 27.22 -11.85
C THR A 89 7.84 27.31 -13.36
N TYR A 90 7.26 26.29 -13.96
CA TYR A 90 7.09 26.22 -15.40
C TYR A 90 5.61 26.17 -15.81
N THR A 91 5.23 27.10 -16.67
CA THR A 91 3.85 27.18 -17.13
C THR A 91 3.68 26.86 -18.59
N CYS A 92 2.72 26.00 -18.90
CA CYS A 92 2.40 25.66 -20.28
C CYS A 92 1.25 26.61 -20.60
N GLN A 93 1.51 27.56 -21.48
CA GLN A 93 0.53 28.55 -21.85
C GLN A 93 -0.02 28.29 -23.24
N VAL A 94 -1.31 27.98 -23.29
CA VAL A 94 -1.98 27.70 -24.55
C VAL A 94 -2.96 28.79 -24.92
N THR A 95 -2.94 29.17 -26.19
CA THR A 95 -3.82 30.19 -26.67
C THR A 95 -4.61 29.56 -27.81
N TYR A 96 -5.83 29.14 -27.47
CA TYR A 96 -6.72 28.52 -28.44
C TYR A 96 -7.76 29.52 -28.87
N GLN A 97 -7.81 29.80 -30.16
CA GLN A 97 -8.80 30.76 -30.66
C GLN A 97 -8.72 32.08 -29.91
N GLY A 98 -7.48 32.54 -29.69
CA GLY A 98 -7.29 33.79 -29.00
C GLY A 98 -7.43 33.74 -27.49
N HIS A 99 -7.94 32.63 -26.94
CA HIS A 99 -8.08 32.54 -25.50
C HIS A 99 -6.93 31.79 -24.84
N THR A 100 -6.65 32.14 -23.59
CA THR A 100 -5.55 31.52 -22.86
C THR A 100 -5.95 30.48 -21.81
N PHE A 101 -5.29 29.33 -21.93
CA PHE A 101 -5.47 28.19 -21.03
C PHE A 101 -4.07 27.91 -20.46
N GLU A 102 -3.99 27.69 -19.16
CA GLU A 102 -2.71 27.44 -18.52
C GLU A 102 -2.71 26.29 -17.52
N ASP A 103 -1.50 25.83 -17.24
CA ASP A 103 -1.24 24.79 -16.26
C ASP A 103 0.20 25.02 -15.84
N SER A 104 0.49 24.76 -14.57
CA SER A 104 1.83 24.96 -14.04
C SER A 104 2.31 23.81 -13.19
N THR A 105 3.62 23.77 -13.00
CA THR A 105 4.23 22.73 -12.21
C THR A 105 5.60 23.16 -11.76
N LYS A 106 6.12 22.45 -10.78
CA LYS A 106 7.47 22.66 -10.27
C LYS A 106 7.72 21.34 -9.56
N LYS A 107 8.97 21.09 -9.22
CA LYS A 107 9.35 19.86 -8.54
C LYS A 107 8.37 19.63 -7.39
N CYS A 108 8.02 18.38 -7.15
CA CYS A 108 7.11 18.09 -6.06
C CYS A 108 7.81 18.34 -4.73
N ALA A 109 7.15 19.02 -3.82
CA ALA A 109 7.74 19.31 -2.53
C ALA A 109 7.87 18.02 -1.74
N ASP A 110 8.66 18.07 -0.67
CA ASP A 110 8.86 16.88 0.17
C ASP A 110 7.52 16.38 0.68
N SER A 111 7.32 15.07 0.63
CA SER A 111 6.07 14.48 1.09
C SER A 111 6.08 14.36 2.61
N ASN A 112 7.26 14.10 3.15
CA ASN A 112 7.45 13.93 4.58
C ASN A 112 8.48 14.94 5.07
N PRO A 113 8.10 16.23 5.16
CA PRO A 113 9.01 17.30 5.61
C PRO A 113 9.40 17.09 7.07
N ARG A 114 10.70 17.06 7.34
CA ARG A 114 11.16 16.89 8.71
C ARG A 114 10.49 15.68 9.39
N GLY A 115 10.63 14.50 8.78
CA GLY A 115 10.05 13.30 9.34
C GLY A 115 8.52 13.31 9.40
N VAL A 116 7.93 14.49 9.34
CA VAL A 116 6.48 14.66 9.39
C VAL A 116 5.71 13.90 8.31
N SER A 117 4.50 13.47 8.65
CA SER A 117 3.63 12.74 7.74
C SER A 117 2.23 13.33 7.76
N ALA A 118 1.52 13.19 6.65
CA ALA A 118 0.14 13.69 6.51
C ALA A 118 -0.71 12.62 5.84
N TYR A 119 -1.93 12.43 6.33
CA TYR A 119 -2.82 11.42 5.78
C TYR A 119 -4.24 11.94 5.70
N LEU A 120 -4.82 11.89 4.50
CA LEU A 120 -6.19 12.32 4.30
C LEU A 120 -6.90 11.06 3.82
N SER A 121 -8.03 10.75 4.44
CA SER A 121 -8.76 9.55 4.07
C SER A 121 -10.13 9.78 3.47
N ARG A 122 -10.58 8.80 2.69
CA ARG A 122 -11.89 8.86 2.05
C ARG A 122 -12.97 8.43 3.03
N PRO A 123 -14.26 8.61 2.67
CA PRO A 123 -15.39 8.24 3.50
C PRO A 123 -15.57 6.73 3.62
N SER A 124 -15.92 6.26 4.81
CA SER A 124 -16.14 4.84 5.01
C SER A 124 -17.43 4.52 4.27
N PRO A 125 -17.52 3.33 3.71
CA PRO A 125 -18.76 3.01 2.99
C PRO A 125 -20.04 3.05 3.85
N PHE A 126 -19.96 2.67 5.12
CA PHE A 126 -21.13 2.69 5.99
C PHE A 126 -21.71 4.09 6.04
N ASP A 127 -20.85 5.05 6.36
CA ASP A 127 -21.23 6.46 6.46
C ASP A 127 -21.82 7.00 5.18
N LEU A 128 -21.13 6.77 4.07
CA LEU A 128 -21.55 7.25 2.77
C LEU A 128 -22.88 6.64 2.28
N PHE A 129 -23.08 5.35 2.55
CA PHE A 129 -24.30 4.67 2.09
C PHE A 129 -25.34 4.32 3.14
N ILE A 130 -24.91 3.88 4.32
CA ILE A 130 -25.89 3.52 5.33
C ILE A 130 -26.34 4.66 6.23
N ARG A 131 -25.39 5.36 6.84
CA ARG A 131 -25.71 6.48 7.70
C ARG A 131 -26.05 7.69 6.82
N LYS A 132 -25.43 7.74 5.65
CA LYS A 132 -25.66 8.83 4.70
C LYS A 132 -25.04 10.14 5.19
N SER A 133 -24.00 10.04 6.00
CA SER A 133 -23.32 11.21 6.53
C SER A 133 -21.82 11.05 6.32
N PRO A 134 -21.37 11.17 5.05
CA PRO A 134 -19.98 11.06 4.61
C PRO A 134 -19.03 11.93 5.45
N THR A 135 -17.76 11.58 5.43
CA THR A 135 -16.76 12.28 6.21
C THR A 135 -15.34 11.98 5.73
N ILE A 136 -14.44 12.96 5.83
CA ILE A 136 -13.06 12.74 5.46
C ILE A 136 -12.23 13.23 6.63
N THR A 137 -11.24 12.45 7.02
CA THR A 137 -10.37 12.80 8.13
C THR A 137 -8.94 13.09 7.70
N CYS A 138 -8.43 14.23 8.15
CA CYS A 138 -7.07 14.63 7.83
C CYS A 138 -6.23 14.50 9.08
N LEU A 139 -5.33 13.52 9.06
CA LEU A 139 -4.46 13.24 10.17
C LEU A 139 -3.01 13.61 9.88
N VAL A 140 -2.47 14.49 10.71
CA VAL A 140 -1.09 14.93 10.57
C VAL A 140 -0.30 14.48 11.81
N VAL A 141 0.73 13.69 11.57
CA VAL A 141 1.55 13.15 12.66
C VAL A 141 3.05 13.23 12.39
N ASP A 142 3.83 12.85 13.41
CA ASP A 142 5.30 12.82 13.38
C ASP A 142 6.03 14.16 13.42
N LEU A 143 5.72 14.99 14.40
CA LEU A 143 6.38 16.27 14.53
C LEU A 143 6.56 16.63 15.99
N ALA A 144 7.30 17.71 16.26
CA ALA A 144 7.54 18.14 17.63
C ALA A 144 6.86 19.48 17.96
N PRO A 145 6.45 19.66 19.22
CA PRO A 145 5.79 20.87 19.72
C PRO A 145 6.68 22.10 19.62
N SER A 146 6.15 23.18 19.05
CA SER A 146 6.92 24.40 18.93
C SER A 146 6.08 25.52 19.54
N LYS A 147 6.05 26.66 18.86
CA LYS A 147 5.30 27.81 19.36
C LYS A 147 3.93 27.96 18.68
N GLY A 148 3.93 28.57 17.49
CA GLY A 148 2.69 28.79 16.75
C GLY A 148 1.89 27.53 16.48
N THR A 149 0.57 27.68 16.48
CA THR A 149 -0.33 26.55 16.24
C THR A 149 -0.30 26.04 14.80
N VAL A 150 -0.93 24.90 14.57
CA VAL A 150 -0.98 24.28 13.23
C VAL A 150 -2.32 24.49 12.55
N GLN A 151 -2.29 25.03 11.33
CA GLN A 151 -3.51 25.32 10.58
C GLN A 151 -3.95 24.25 9.59
N LEU A 152 -5.18 23.77 9.75
CA LEU A 152 -5.77 22.77 8.86
C LEU A 152 -7.02 23.31 8.19
N THR A 153 -6.88 23.77 6.95
CA THR A 153 -8.02 24.29 6.22
C THR A 153 -8.45 23.31 5.14
N TRP A 154 -9.75 23.23 4.93
CA TRP A 154 -10.30 22.34 3.93
C TRP A 154 -10.71 23.17 2.72
N SER A 155 -10.57 22.58 1.54
CA SER A 155 -10.94 23.27 0.32
C SER A 155 -11.34 22.26 -0.75
N ARG A 156 -12.23 22.67 -1.64
CA ARG A 156 -12.69 21.80 -2.73
C ARG A 156 -12.06 22.29 -4.00
N ALA A 157 -11.69 21.35 -4.87
CA ALA A 157 -11.08 21.72 -6.14
C ALA A 157 -12.03 22.65 -6.90
N SER A 158 -13.32 22.33 -6.82
CA SER A 158 -14.36 23.11 -7.48
C SER A 158 -14.56 24.47 -6.82
N GLY A 159 -13.77 24.74 -5.78
CA GLY A 159 -13.90 26.01 -5.09
C GLY A 159 -15.21 26.09 -4.32
N LYS A 160 -16.18 25.27 -4.68
CA LYS A 160 -17.46 25.28 -3.98
C LYS A 160 -17.15 25.24 -2.50
N PRO A 161 -18.00 25.84 -1.67
CA PRO A 161 -17.81 25.87 -0.21
C PRO A 161 -17.62 24.49 0.42
N VAL A 162 -17.29 24.49 1.70
CA VAL A 162 -17.09 23.26 2.45
C VAL A 162 -17.62 23.48 3.87
N ASN A 163 -18.40 22.53 4.39
CA ASN A 163 -18.96 22.65 5.73
C ASN A 163 -17.88 22.98 6.74
N HIS A 164 -18.26 23.15 8.00
CA HIS A 164 -17.25 23.48 8.97
C HIS A 164 -16.63 22.27 9.63
N SER A 165 -15.35 22.06 9.32
CA SER A 165 -14.56 20.94 9.83
C SER A 165 -14.51 20.89 11.34
N THR A 166 -13.45 20.27 11.84
CA THR A 166 -13.27 20.15 13.27
C THR A 166 -11.90 19.54 13.57
N ARG A 167 -11.05 20.34 14.20
CA ARG A 167 -9.71 19.91 14.55
C ARG A 167 -9.75 19.25 15.92
N LYS A 168 -8.65 18.63 16.34
CA LYS A 168 -8.64 17.96 17.64
C LYS A 168 -7.31 17.27 17.89
N GLU A 169 -6.25 18.05 18.05
CA GLU A 169 -4.92 17.48 18.29
C GLU A 169 -4.83 16.74 19.61
N GLU A 170 -3.74 16.01 19.80
CA GLU A 170 -3.57 15.21 21.01
C GLU A 170 -2.13 14.75 21.16
N LYS A 171 -1.32 15.55 21.87
CA LYS A 171 0.09 15.22 22.09
C LYS A 171 0.26 13.74 22.38
N GLN A 172 1.33 13.14 21.86
CA GLN A 172 1.58 11.71 22.05
C GLN A 172 2.72 11.39 23.02
N ARG A 173 2.85 10.10 23.32
CA ARG A 173 3.87 9.61 24.24
C ARG A 173 5.30 9.73 23.72
N ASN A 174 5.56 9.23 22.52
CA ASN A 174 6.91 9.31 21.97
C ASN A 174 7.42 10.74 21.87
N GLY A 175 6.60 11.69 22.30
CA GLY A 175 7.01 13.08 22.27
C GLY A 175 6.67 13.86 21.01
N THR A 176 5.54 13.54 20.40
CA THR A 176 5.11 14.23 19.19
C THR A 176 3.64 14.61 19.29
N LEU A 177 3.18 15.44 18.36
CA LEU A 177 1.78 15.86 18.36
C LEU A 177 1.06 15.22 17.19
N THR A 178 -0.26 15.13 17.30
CA THR A 178 -1.09 14.53 16.26
C THR A 178 -2.40 15.28 16.09
N VAL A 179 -2.46 16.12 15.07
CA VAL A 179 -3.68 16.87 14.81
C VAL A 179 -4.55 16.06 13.87
N THR A 180 -5.86 16.11 14.07
CA THR A 180 -6.79 15.36 13.24
C THR A 180 -8.08 16.11 13.07
N SER A 181 -8.39 16.51 11.84
CA SER A 181 -9.63 17.21 11.59
C SER A 181 -10.52 16.28 10.78
N THR A 182 -11.83 16.48 10.89
CA THR A 182 -12.75 15.66 10.17
C THR A 182 -13.84 16.51 9.54
N LEU A 183 -13.68 16.72 8.25
CA LEU A 183 -14.62 17.51 7.48
C LEU A 183 -15.72 16.59 6.99
N PRO A 184 -16.96 17.09 7.02
CA PRO A 184 -18.11 16.32 6.55
C PRO A 184 -18.26 16.68 5.07
N VAL A 185 -18.61 15.72 4.23
CA VAL A 185 -18.76 16.03 2.82
C VAL A 185 -20.15 15.75 2.31
N GLY A 186 -20.49 16.38 1.21
CA GLY A 186 -21.80 16.19 0.63
C GLY A 186 -21.84 14.85 -0.04
N THR A 187 -22.73 13.96 0.41
CA THR A 187 -22.87 12.64 -0.19
C THR A 187 -22.78 12.78 -1.70
N ARG A 188 -23.79 13.38 -2.29
CA ARG A 188 -23.82 13.61 -3.73
C ARG A 188 -22.48 14.22 -4.15
N ASP A 189 -22.10 15.30 -3.47
CA ASP A 189 -20.83 15.99 -3.73
C ASP A 189 -19.68 15.03 -3.94
N TRP A 190 -19.51 14.11 -3.00
CA TRP A 190 -18.42 13.13 -3.05
C TRP A 190 -18.53 12.14 -4.20
N ILE A 191 -19.72 11.56 -4.32
CA ILE A 191 -20.01 10.58 -5.36
C ILE A 191 -19.87 11.12 -6.77
N GLU A 192 -20.08 12.42 -6.91
CA GLU A 192 -19.97 13.07 -8.22
C GLU A 192 -18.51 13.14 -8.64
N GLY A 193 -17.60 12.88 -7.69
CA GLY A 193 -16.20 12.92 -8.02
C GLY A 193 -15.50 14.16 -7.52
N GLU A 194 -16.10 14.85 -6.56
CA GLU A 194 -15.48 16.05 -6.01
C GLU A 194 -14.13 15.72 -5.41
N THR A 195 -13.29 16.74 -5.29
CA THR A 195 -11.96 16.60 -4.70
C THR A 195 -11.89 17.51 -3.50
N TYR A 196 -11.42 16.95 -2.40
CA TYR A 196 -11.28 17.68 -1.17
C TYR A 196 -9.84 17.66 -0.77
N GLN A 197 -9.24 18.82 -0.65
CA GLN A 197 -7.85 18.87 -0.26
C GLN A 197 -7.74 19.37 1.17
N CYS A 198 -6.71 18.88 1.84
CA CYS A 198 -6.46 19.25 3.22
C CYS A 198 -5.11 19.94 3.24
N ARG A 199 -5.13 21.25 3.45
CA ARG A 199 -3.92 22.04 3.48
C ARG A 199 -3.50 22.36 4.89
N VAL A 200 -2.23 22.13 5.19
CA VAL A 200 -1.73 22.39 6.52
C VAL A 200 -0.46 23.23 6.55
N THR A 201 -0.52 24.38 7.20
CA THR A 201 0.64 25.26 7.32
C THR A 201 1.18 25.21 8.76
N HIS A 202 2.37 24.63 8.92
CA HIS A 202 3.01 24.53 10.22
C HIS A 202 4.01 25.67 10.28
N PRO A 203 3.95 26.49 11.35
CA PRO A 203 4.90 27.62 11.44
C PRO A 203 6.34 27.09 11.49
N HIS A 204 6.52 25.93 12.12
CA HIS A 204 7.82 25.30 12.23
C HIS A 204 8.24 24.71 10.90
N LEU A 205 7.27 24.19 10.15
CA LEU A 205 7.53 23.58 8.85
C LEU A 205 7.64 24.65 7.75
N PRO A 206 8.55 24.45 6.79
CA PRO A 206 8.79 25.36 5.67
C PRO A 206 7.55 26.00 5.04
N ARG A 207 6.96 25.29 4.09
CA ARG A 207 5.79 25.78 3.37
C ARG A 207 4.52 25.09 3.83
N ALA A 208 3.57 24.97 2.92
CA ALA A 208 2.30 24.32 3.21
C ALA A 208 2.32 22.90 2.67
N LEU A 209 1.86 21.96 3.48
CA LEU A 209 1.81 20.57 3.09
C LEU A 209 0.36 20.32 2.70
N MET A 210 0.13 19.65 1.57
CA MET A 210 -1.23 19.43 1.14
C MET A 210 -1.55 18.06 0.56
N ARG A 211 -2.64 17.47 1.04
CA ARG A 211 -3.11 16.17 0.59
C ARG A 211 -4.46 16.41 -0.08
N SER A 212 -4.74 15.64 -1.14
CA SER A 212 -6.00 15.77 -1.87
C SER A 212 -6.70 14.43 -1.94
N THR A 213 -8.03 14.42 -1.83
CA THR A 213 -8.75 13.15 -1.91
C THR A 213 -10.00 13.25 -2.77
N THR A 214 -10.32 12.17 -3.47
CA THR A 214 -11.49 12.09 -4.35
C THR A 214 -11.87 10.62 -4.48
N LYS A 215 -13.05 10.34 -5.02
CA LYS A 215 -13.49 8.97 -5.17
C LYS A 215 -12.62 8.20 -6.12
N THR A 216 -12.53 6.89 -5.91
CA THR A 216 -11.74 6.02 -6.77
C THR A 216 -12.35 6.05 -8.16
N SER A 217 -11.52 5.74 -9.16
CA SER A 217 -11.99 5.77 -10.53
C SER A 217 -12.04 4.39 -11.18
N GLY A 218 -11.09 3.54 -10.81
CA GLY A 218 -11.01 2.21 -11.40
C GLY A 218 -12.30 1.42 -11.55
N PRO A 219 -12.20 0.14 -11.93
CA PRO A 219 -13.36 -0.71 -12.12
C PRO A 219 -13.87 -1.21 -10.76
N ARG A 220 -15.17 -1.45 -10.66
CA ARG A 220 -15.77 -1.92 -9.42
C ARG A 220 -16.04 -3.42 -9.47
N ALA A 221 -16.13 -4.02 -8.29
CA ALA A 221 -16.41 -5.44 -8.16
C ALA A 221 -16.88 -5.69 -6.74
N ALA A 222 -18.11 -6.19 -6.62
CA ALA A 222 -18.71 -6.47 -5.31
C ALA A 222 -17.94 -7.52 -4.54
N PRO A 223 -17.98 -7.45 -3.21
CA PRO A 223 -17.28 -8.42 -2.39
C PRO A 223 -18.00 -9.76 -2.23
N GLU A 224 -17.23 -10.83 -2.08
CA GLU A 224 -17.77 -12.17 -1.85
C GLU A 224 -17.66 -12.32 -0.35
N VAL A 225 -18.75 -12.69 0.32
CA VAL A 225 -18.75 -12.85 1.78
C VAL A 225 -18.98 -14.27 2.28
N TYR A 226 -18.02 -14.80 3.04
CA TYR A 226 -18.12 -16.16 3.58
C TYR A 226 -17.88 -16.12 5.09
N ALA A 227 -18.83 -16.63 5.86
CA ALA A 227 -18.73 -16.62 7.30
C ALA A 227 -18.57 -18.03 7.85
N PHE A 228 -17.64 -18.18 8.79
CA PHE A 228 -17.34 -19.46 9.41
C PHE A 228 -17.40 -19.39 10.94
N ALA A 229 -17.86 -20.47 11.55
CA ALA A 229 -17.93 -20.56 13.00
C ALA A 229 -16.94 -21.64 13.44
N THR A 230 -16.08 -21.30 14.39
CA THR A 230 -15.09 -22.24 14.89
C THR A 230 -15.74 -23.41 15.57
N PRO A 231 -15.17 -24.62 15.40
CA PRO A 231 -15.74 -25.81 16.04
C PRO A 231 -15.40 -25.58 17.49
N GLU A 232 -15.99 -26.34 18.40
CA GLU A 232 -15.69 -26.15 19.81
C GLU A 232 -14.25 -26.54 20.12
N TRP A 233 -13.56 -25.69 20.88
CA TRP A 233 -12.18 -25.93 21.27
C TRP A 233 -12.17 -26.31 22.76
N PRO A 234 -11.50 -27.43 23.11
CA PRO A 234 -11.41 -27.92 24.48
C PRO A 234 -10.94 -26.87 25.48
N GLY A 235 -11.76 -26.63 26.50
CA GLY A 235 -11.43 -25.63 27.50
C GLY A 235 -12.42 -24.48 27.51
N SER A 236 -12.73 -23.95 26.33
CA SER A 236 -13.67 -22.83 26.18
C SER A 236 -14.97 -23.29 25.53
N ARG A 237 -15.92 -23.67 26.37
CA ARG A 237 -17.18 -24.20 25.91
C ARG A 237 -18.35 -23.22 25.76
N ASP A 238 -18.27 -22.05 26.36
CA ASP A 238 -19.38 -21.09 26.26
C ASP A 238 -19.13 -19.90 25.35
N LYS A 239 -17.99 -19.93 24.67
CA LYS A 239 -17.62 -18.88 23.74
C LYS A 239 -17.26 -19.54 22.42
N ARG A 240 -17.43 -18.82 21.32
CA ARG A 240 -17.12 -19.34 20.01
C ARG A 240 -16.69 -18.16 19.17
N THR A 241 -15.91 -18.39 18.13
CA THR A 241 -15.49 -17.27 17.30
C THR A 241 -16.04 -17.36 15.89
N LEU A 242 -16.44 -16.22 15.35
CA LEU A 242 -16.96 -16.17 13.99
C LEU A 242 -15.96 -15.42 13.15
N ALA A 243 -15.80 -15.85 11.91
CA ALA A 243 -14.87 -15.19 11.02
C ALA A 243 -15.44 -15.17 9.62
N CYS A 244 -15.36 -14.04 8.95
CA CYS A 244 -15.80 -14.04 7.57
C CYS A 244 -14.75 -13.41 6.72
N LEU A 245 -14.59 -14.02 5.56
CA LEU A 245 -13.64 -13.59 4.57
C LEU A 245 -14.48 -12.89 3.55
N ILE A 246 -14.19 -11.62 3.35
CA ILE A 246 -14.88 -10.83 2.36
C ILE A 246 -13.77 -10.58 1.36
N GLN A 247 -13.98 -10.98 0.12
CA GLN A 247 -12.92 -10.83 -0.84
C GLN A 247 -13.32 -10.56 -2.27
N ASN A 248 -12.27 -10.34 -3.08
CA ASN A 248 -12.37 -10.08 -4.50
C ASN A 248 -13.22 -8.87 -4.84
N PHE A 249 -13.06 -7.80 -4.07
CA PHE A 249 -13.83 -6.58 -4.28
C PHE A 249 -12.95 -5.37 -4.66
N MET A 250 -13.54 -4.42 -5.39
CA MET A 250 -12.85 -3.20 -5.82
C MET A 250 -13.88 -2.07 -5.92
N PRO A 251 -13.53 -0.87 -5.44
CA PRO A 251 -12.25 -0.49 -4.83
C PRO A 251 -12.01 -1.21 -3.50
N GLU A 252 -10.93 -0.88 -2.83
CA GLU A 252 -10.60 -1.52 -1.57
C GLU A 252 -11.42 -1.00 -0.40
N ASP A 253 -11.98 0.19 -0.55
CA ASP A 253 -12.76 0.77 0.53
C ASP A 253 -13.96 -0.11 0.87
N ILE A 254 -14.06 -0.52 2.14
CA ILE A 254 -15.14 -1.37 2.56
C ILE A 254 -15.47 -1.11 4.04
N SER A 255 -16.64 -1.55 4.47
CA SER A 255 -17.09 -1.44 5.87
C SER A 255 -17.72 -2.77 6.25
N VAL A 256 -17.38 -3.27 7.43
CA VAL A 256 -17.92 -4.54 7.90
C VAL A 256 -18.71 -4.36 9.18
N GLN A 257 -19.90 -4.94 9.25
CA GLN A 257 -20.71 -4.85 10.44
C GLN A 257 -21.30 -6.21 10.70
N TRP A 258 -21.62 -6.45 11.97
CA TRP A 258 -22.19 -7.70 12.38
C TRP A 258 -23.51 -7.40 13.02
N LEU A 259 -24.50 -8.27 12.79
CA LEU A 259 -25.82 -8.10 13.37
C LEU A 259 -26.27 -9.37 14.05
N HIS A 260 -26.88 -9.22 15.21
CA HIS A 260 -27.38 -10.36 15.92
C HIS A 260 -28.75 -10.00 16.41
N ASN A 261 -29.71 -10.88 16.10
CA ASN A 261 -31.07 -10.66 16.54
C ASN A 261 -31.63 -9.41 15.86
N GLU A 262 -31.35 -9.25 14.57
CA GLU A 262 -31.85 -8.10 13.84
C GLU A 262 -31.27 -6.78 14.34
N VAL A 263 -30.48 -6.86 15.41
CA VAL A 263 -29.85 -5.67 15.97
C VAL A 263 -28.38 -5.74 15.61
N GLN A 264 -27.86 -4.62 15.11
CA GLN A 264 -26.45 -4.56 14.76
C GLN A 264 -25.68 -4.38 16.05
N LEU A 265 -24.56 -5.06 16.18
CA LEU A 265 -23.73 -4.99 17.38
C LEU A 265 -22.79 -3.78 17.29
N PRO A 266 -22.21 -3.34 18.41
CA PRO A 266 -21.30 -2.19 18.43
C PRO A 266 -19.95 -2.53 17.81
N ASP A 267 -19.38 -1.57 17.10
CA ASP A 267 -18.10 -1.76 16.44
C ASP A 267 -16.94 -2.35 17.28
N ALA A 268 -16.92 -2.04 18.57
CA ALA A 268 -15.87 -2.52 19.46
C ALA A 268 -15.99 -4.02 19.74
N ARG A 269 -17.10 -4.58 19.31
CA ARG A 269 -17.38 -5.99 19.52
C ARG A 269 -16.58 -6.93 18.60
N HIS A 270 -16.02 -6.40 17.52
CA HIS A 270 -15.26 -7.20 16.56
C HIS A 270 -14.14 -6.41 15.89
N SER A 271 -13.25 -7.12 15.21
CA SER A 271 -12.14 -6.48 14.53
C SER A 271 -12.20 -6.84 13.07
N THR A 272 -11.48 -6.09 12.25
CA THR A 272 -11.48 -6.33 10.82
C THR A 272 -10.12 -5.90 10.30
N THR A 273 -9.43 -6.78 9.59
CA THR A 273 -8.10 -6.48 9.05
C THR A 273 -8.18 -5.39 7.99
N GLN A 274 -7.02 -4.94 7.54
CA GLN A 274 -6.96 -3.91 6.51
C GLN A 274 -7.04 -4.57 5.14
N PRO A 275 -7.70 -3.93 4.16
CA PRO A 275 -7.80 -4.55 2.84
C PRO A 275 -6.41 -4.89 2.31
N ARG A 276 -6.28 -6.06 1.69
CA ARG A 276 -5.03 -6.53 1.11
C ARG A 276 -5.36 -7.26 -0.17
N LYS A 277 -4.54 -7.06 -1.20
CA LYS A 277 -4.79 -7.68 -2.48
C LYS A 277 -4.76 -9.19 -2.47
N THR A 278 -5.54 -9.78 -3.37
CA THR A 278 -5.62 -11.22 -3.55
C THR A 278 -4.47 -11.57 -4.50
N LYS A 279 -4.23 -12.85 -4.70
CA LYS A 279 -3.15 -13.30 -5.60
C LYS A 279 -3.61 -13.10 -7.05
N GLY A 280 -4.72 -12.39 -7.21
CA GLY A 280 -5.28 -12.11 -8.52
C GLY A 280 -5.84 -10.70 -8.50
N SER A 281 -7.10 -10.55 -8.91
CA SER A 281 -7.71 -9.22 -8.92
C SER A 281 -8.56 -9.00 -7.65
N GLY A 282 -8.41 -7.82 -7.03
CA GLY A 282 -9.21 -7.51 -5.86
C GLY A 282 -8.63 -7.60 -4.46
N PHE A 283 -9.40 -7.14 -3.47
CA PHE A 283 -8.99 -7.16 -2.08
C PHE A 283 -9.80 -8.12 -1.25
N PHE A 284 -9.28 -8.41 -0.07
CA PHE A 284 -9.93 -9.30 0.86
C PHE A 284 -9.75 -8.74 2.25
N VAL A 285 -10.65 -9.11 3.13
CA VAL A 285 -10.60 -8.64 4.49
C VAL A 285 -11.07 -9.78 5.36
N PHE A 286 -10.63 -9.79 6.62
CA PHE A 286 -11.04 -10.82 7.55
C PHE A 286 -11.71 -10.10 8.68
N SER A 287 -12.84 -10.64 9.12
CA SER A 287 -13.52 -10.02 10.22
C SER A 287 -13.66 -11.10 11.26
N ARG A 288 -13.56 -10.70 12.52
CA ARG A 288 -13.64 -11.67 13.59
C ARG A 288 -14.60 -11.22 14.69
N LEU A 289 -15.58 -12.07 15.03
CA LEU A 289 -16.52 -11.71 16.10
C LEU A 289 -16.52 -12.79 17.16
N GLU A 290 -16.06 -12.41 18.36
CA GLU A 290 -16.03 -13.31 19.50
C GLU A 290 -17.49 -13.36 19.95
N VAL A 291 -18.05 -14.57 20.04
CA VAL A 291 -19.44 -14.71 20.42
C VAL A 291 -19.68 -15.51 21.70
N THR A 292 -20.87 -15.38 22.28
CA THR A 292 -21.17 -16.09 23.52
C THR A 292 -22.40 -16.99 23.46
N ARG A 293 -22.36 -18.07 24.24
CA ARG A 293 -23.46 -19.04 24.30
C ARG A 293 -24.82 -18.37 24.55
N ALA A 294 -24.84 -17.41 25.47
CA ALA A 294 -26.08 -16.74 25.77
C ALA A 294 -26.61 -16.17 24.48
N GLU A 295 -25.71 -15.67 23.65
CA GLU A 295 -26.07 -15.08 22.38
C GLU A 295 -26.58 -16.05 21.34
N TRP A 296 -25.96 -17.23 21.22
CA TRP A 296 -26.45 -18.16 20.22
C TRP A 296 -27.62 -19.01 20.68
N GLU A 297 -27.78 -19.15 22.00
CA GLU A 297 -28.92 -19.91 22.49
C GLU A 297 -30.08 -18.92 22.38
N GLN A 298 -29.73 -17.64 22.42
CA GLN A 298 -30.68 -16.54 22.27
C GLN A 298 -31.31 -16.78 20.89
N LYS A 299 -30.59 -16.35 19.86
CA LYS A 299 -30.98 -16.52 18.46
C LYS A 299 -29.68 -17.01 17.85
N ASP A 300 -29.67 -18.22 17.28
CA ASP A 300 -28.43 -18.76 16.72
C ASP A 300 -28.19 -18.45 15.26
N GLU A 301 -27.96 -17.17 14.98
CA GLU A 301 -27.68 -16.70 13.64
C GLU A 301 -26.96 -15.37 13.81
N PHE A 302 -25.79 -15.27 13.20
CA PHE A 302 -25.00 -14.06 13.26
C PHE A 302 -24.71 -13.72 11.83
N ILE A 303 -24.85 -12.44 11.51
CA ILE A 303 -24.68 -11.95 10.16
C ILE A 303 -23.47 -11.04 9.92
N CYS A 304 -22.59 -11.46 9.02
CA CYS A 304 -21.42 -10.66 8.67
C CYS A 304 -21.87 -9.82 7.48
N ARG A 305 -21.99 -8.51 7.68
CA ARG A 305 -22.42 -7.63 6.60
C ARG A 305 -21.32 -6.74 6.11
N ALA A 306 -21.28 -6.56 4.80
CA ALA A 306 -20.27 -5.72 4.19
C ALA A 306 -20.94 -4.65 3.34
N VAL A 307 -20.46 -3.42 3.49
CA VAL A 307 -20.99 -2.31 2.73
C VAL A 307 -19.90 -1.94 1.73
N HIS A 308 -20.19 -2.10 0.44
CA HIS A 308 -19.22 -1.78 -0.57
C HIS A 308 -19.99 -1.05 -1.65
N GLU A 309 -19.34 -0.10 -2.32
CA GLU A 309 -19.99 0.69 -3.36
C GLU A 309 -20.41 -0.12 -4.58
N ALA A 310 -19.78 -1.27 -4.79
CA ALA A 310 -20.10 -2.12 -5.94
C ALA A 310 -21.21 -3.11 -5.66
N ALA A 311 -21.56 -3.29 -4.39
CA ALA A 311 -22.63 -4.23 -4.03
C ALA A 311 -23.99 -3.65 -4.36
N SER A 312 -24.92 -4.51 -4.73
CA SER A 312 -26.27 -4.10 -5.06
C SER A 312 -27.26 -5.05 -4.43
N PRO A 313 -28.53 -4.61 -4.29
CA PRO A 313 -28.99 -3.29 -4.70
C PRO A 313 -28.57 -2.14 -3.78
N SER A 314 -28.55 -2.39 -2.48
CA SER A 314 -28.24 -1.35 -1.52
C SER A 314 -26.81 -1.26 -1.04
N GLN A 315 -25.85 -1.39 -1.96
CA GLN A 315 -24.45 -1.31 -1.60
C GLN A 315 -24.03 -2.27 -0.48
N THR A 316 -24.83 -3.28 -0.17
CA THR A 316 -24.42 -4.23 0.87
C THR A 316 -24.55 -5.69 0.43
N VAL A 317 -23.70 -6.53 1.02
CA VAL A 317 -23.67 -7.97 0.79
C VAL A 317 -23.44 -8.56 2.18
N GLN A 318 -24.06 -9.70 2.46
CA GLN A 318 -23.92 -10.33 3.77
C GLN A 318 -24.04 -11.84 3.68
N ARG A 319 -23.64 -12.49 4.76
CA ARG A 319 -23.73 -13.94 4.87
C ARG A 319 -23.88 -14.22 6.35
N ALA A 320 -24.86 -15.04 6.70
CA ALA A 320 -25.08 -15.37 8.11
C ALA A 320 -24.41 -16.70 8.44
N VAL A 321 -24.14 -16.89 9.72
CA VAL A 321 -23.53 -18.13 10.17
C VAL A 321 -24.13 -18.52 11.51
N SER A 322 -24.16 -19.80 11.79
CA SER A 322 -24.68 -20.28 13.06
C SER A 322 -23.63 -21.19 13.68
N VAL A 323 -23.59 -21.24 15.01
CA VAL A 323 -22.58 -22.08 15.65
C VAL A 323 -22.95 -23.54 15.53
N ASN A 324 -24.18 -23.87 15.91
CA ASN A 324 -24.62 -25.25 15.84
C ASN A 324 -25.14 -25.63 14.48
N PRO A 325 -24.91 -26.90 14.08
CA PRO A 325 -25.31 -27.50 12.81
C PRO A 325 -26.82 -27.76 12.69
N ASP B 7 16.56 -0.62 -40.43
CA ASP B 7 16.57 -2.06 -40.05
C ASP B 7 15.54 -2.30 -38.94
N PHE B 8 15.62 -3.49 -38.32
CA PHE B 8 14.72 -3.85 -37.23
C PHE B 8 14.97 -2.91 -36.07
N THR B 9 14.00 -2.06 -35.76
CA THR B 9 14.15 -1.11 -34.67
C THR B 9 13.70 -1.69 -33.32
N PRO B 10 14.60 -1.66 -32.33
CA PRO B 10 14.38 -2.17 -30.97
C PRO B 10 13.54 -1.22 -30.10
N PRO B 11 12.44 -1.74 -29.52
CA PRO B 11 11.51 -0.99 -28.66
C PRO B 11 12.22 -0.28 -27.51
N THR B 12 11.52 0.69 -26.91
CA THR B 12 12.09 1.46 -25.81
C THR B 12 11.00 1.94 -24.85
N VAL B 13 11.15 1.56 -23.58
CA VAL B 13 10.20 1.94 -22.54
C VAL B 13 10.60 3.19 -21.75
N LYS B 14 9.63 4.09 -21.60
CA LYS B 14 9.81 5.35 -20.90
C LYS B 14 8.52 5.58 -20.15
N ILE B 15 8.61 6.07 -18.92
CA ILE B 15 7.42 6.34 -18.11
C ILE B 15 7.31 7.80 -17.69
N LEU B 16 6.24 8.45 -18.14
CA LEU B 16 5.99 9.82 -17.77
C LEU B 16 4.98 9.74 -16.62
N GLN B 17 4.86 10.82 -15.86
CA GLN B 17 3.93 10.86 -14.73
C GLN B 17 3.22 12.21 -14.60
N SER B 18 2.15 12.23 -13.82
CA SER B 18 1.41 13.45 -13.56
C SER B 18 2.39 14.44 -13.00
N SER B 19 2.20 15.72 -13.25
CA SER B 19 3.10 16.70 -12.70
C SER B 19 2.47 17.30 -11.45
N CYS B 20 3.30 17.86 -10.58
CA CYS B 20 2.76 18.44 -9.38
C CYS B 20 2.21 19.82 -9.60
N ASP B 21 1.44 20.23 -8.61
CA ASP B 21 0.78 21.53 -8.52
C ASP B 21 1.78 22.59 -8.93
N GLY B 22 1.31 23.82 -9.07
CA GLY B 22 2.21 24.91 -9.39
C GLY B 22 2.87 25.25 -8.05
N GLY B 23 2.28 24.70 -6.99
CA GLY B 23 2.78 24.90 -5.64
C GLY B 23 3.63 23.72 -5.20
N GLY B 24 3.68 22.68 -6.03
CA GLY B 24 4.48 21.51 -5.72
C GLY B 24 3.67 20.47 -4.98
N HIS B 25 2.36 20.58 -5.09
CA HIS B 25 1.46 19.66 -4.42
C HIS B 25 1.05 18.60 -5.41
N PHE B 26 0.72 17.41 -4.90
CA PHE B 26 0.30 16.30 -5.73
C PHE B 26 -1.17 16.38 -6.10
N PRO B 27 -1.54 15.73 -7.21
CA PRO B 27 -2.93 15.70 -7.66
C PRO B 27 -3.67 14.68 -6.81
N PRO B 28 -4.99 14.80 -6.68
CA PRO B 28 -5.75 13.83 -5.87
C PRO B 28 -5.50 12.39 -6.34
N THR B 29 -4.98 12.24 -7.55
CA THR B 29 -4.62 10.93 -8.09
C THR B 29 -3.48 11.10 -9.10
N ILE B 30 -2.57 10.14 -9.13
CA ILE B 30 -1.40 10.17 -10.02
C ILE B 30 -1.57 9.22 -11.18
N GLN B 31 -1.37 9.70 -12.39
CA GLN B 31 -1.48 8.83 -13.56
C GLN B 31 -0.07 8.58 -14.08
N LEU B 32 0.25 7.32 -14.37
CA LEU B 32 1.58 6.96 -14.88
C LEU B 32 1.37 6.52 -16.32
N LEU B 33 2.12 7.12 -17.23
CA LEU B 33 1.97 6.78 -18.63
C LEU B 33 3.22 6.09 -19.19
N CYS B 34 3.05 4.84 -19.59
CA CYS B 34 4.17 4.09 -20.12
C CYS B 34 4.26 4.18 -21.63
N LEU B 35 5.37 4.73 -22.12
CA LEU B 35 5.54 4.88 -23.54
C LEU B 35 6.61 4.00 -24.16
N VAL B 36 6.17 2.92 -24.81
CA VAL B 36 7.07 2.03 -25.50
C VAL B 36 6.95 2.49 -26.95
N SER B 37 7.95 3.23 -27.42
CA SER B 37 7.92 3.78 -28.76
C SER B 37 8.94 3.20 -29.72
N GLY B 38 8.66 3.34 -31.02
CA GLY B 38 9.57 2.87 -32.05
C GLY B 38 9.55 1.39 -32.34
N TYR B 39 9.02 0.61 -31.40
CA TYR B 39 8.96 -0.84 -31.55
C TYR B 39 8.31 -1.23 -32.88
N THR B 40 9.10 -1.80 -33.79
CA THR B 40 8.59 -2.22 -35.10
C THR B 40 7.23 -2.90 -34.97
N PRO B 41 6.30 -2.64 -35.91
CA PRO B 41 4.96 -3.23 -35.89
C PRO B 41 4.94 -4.69 -35.44
N GLY B 42 3.93 -5.06 -34.65
CA GLY B 42 3.86 -6.44 -34.18
C GLY B 42 3.26 -6.56 -32.79
N THR B 43 2.61 -7.70 -32.53
CA THR B 43 1.97 -7.95 -31.24
C THR B 43 2.93 -7.60 -30.12
N ILE B 44 2.36 -7.24 -28.96
CA ILE B 44 3.15 -6.86 -27.80
C ILE B 44 2.30 -6.87 -26.54
N GLN B 45 2.89 -7.31 -25.43
CA GLN B 45 2.15 -7.39 -24.18
C GLN B 45 2.71 -6.51 -23.06
N ILE B 46 2.00 -5.41 -22.77
CA ILE B 46 2.42 -4.51 -21.71
C ILE B 46 1.88 -5.01 -20.38
N THR B 47 2.71 -4.90 -19.36
CA THR B 47 2.33 -5.36 -18.04
C THR B 47 2.90 -4.45 -16.96
N TRP B 48 2.11 -4.19 -15.94
CA TRP B 48 2.55 -3.33 -14.84
C TRP B 48 2.85 -4.18 -13.62
N LEU B 49 3.79 -3.70 -12.81
CA LEU B 49 4.19 -4.41 -11.61
C LEU B 49 4.25 -3.47 -10.43
N GLU B 50 3.50 -3.77 -9.38
CA GLU B 50 3.55 -2.96 -8.18
C GLU B 50 4.44 -3.74 -7.25
N ASP B 51 5.69 -3.30 -7.09
CA ASP B 51 6.69 -3.98 -6.26
C ASP B 51 6.84 -5.42 -6.73
N GLY B 52 7.34 -5.59 -7.96
CA GLY B 52 7.56 -6.92 -8.51
C GLY B 52 6.27 -7.68 -8.79
N GLN B 53 5.28 -7.48 -7.94
CA GLN B 53 4.01 -8.13 -8.10
C GLN B 53 3.36 -7.65 -9.39
N VAL B 54 2.97 -8.59 -10.25
CA VAL B 54 2.30 -8.23 -11.49
C VAL B 54 0.91 -7.74 -11.12
N MET B 55 0.52 -6.59 -11.64
CA MET B 55 -0.79 -6.01 -11.36
C MET B 55 -1.78 -6.42 -12.43
N ASP B 56 -2.97 -6.86 -12.02
CA ASP B 56 -4.01 -7.27 -12.98
C ASP B 56 -4.24 -6.14 -14.00
N VAL B 57 -4.30 -6.49 -15.29
CA VAL B 57 -4.50 -5.47 -16.34
C VAL B 57 -5.88 -4.80 -16.30
N ASP B 58 -6.65 -5.04 -15.24
CA ASP B 58 -7.97 -4.45 -15.10
C ASP B 58 -7.84 -2.96 -14.79
N LEU B 59 -6.60 -2.54 -14.49
CA LEU B 59 -6.33 -1.15 -14.16
C LEU B 59 -5.34 -0.49 -15.15
N SER B 60 -5.46 -0.83 -16.42
CA SER B 60 -4.58 -0.28 -17.44
C SER B 60 -5.31 -0.02 -18.77
N THR B 61 -4.59 0.47 -19.76
CA THR B 61 -5.18 0.74 -21.07
C THR B 61 -4.10 0.85 -22.15
N ALA B 62 -4.13 -0.07 -23.11
CA ALA B 62 -3.16 -0.08 -24.19
C ALA B 62 -3.66 0.70 -25.40
N SER B 63 -2.80 1.55 -25.94
CA SER B 63 -3.12 2.37 -27.10
C SER B 63 -1.98 2.20 -28.09
N THR B 64 -2.30 2.15 -29.39
CA THR B 64 -1.24 2.00 -30.40
C THR B 64 -1.54 2.70 -31.71
N THR B 65 -0.49 3.25 -32.32
CA THR B 65 -0.61 3.95 -33.59
C THR B 65 0.70 3.82 -34.35
N GLN B 66 0.85 2.70 -35.05
CA GLN B 66 2.06 2.43 -35.85
C GLN B 66 1.98 3.14 -37.19
N GLU B 67 1.32 4.30 -37.19
CA GLU B 67 1.15 5.11 -38.38
C GLU B 67 2.48 5.36 -39.09
N GLY B 68 2.40 5.59 -40.40
CA GLY B 68 3.61 5.84 -41.16
C GLY B 68 4.43 4.57 -41.33
N GLU B 69 4.85 3.98 -40.23
CA GLU B 69 5.64 2.76 -40.29
C GLU B 69 5.77 2.05 -38.94
N LEU B 70 6.89 2.29 -38.25
CA LEU B 70 7.15 1.68 -36.95
C LEU B 70 6.00 1.90 -35.97
N ALA B 71 5.77 0.92 -35.11
CA ALA B 71 4.70 0.99 -34.14
C ALA B 71 5.06 1.78 -32.88
N SER B 72 4.03 2.17 -32.15
CA SER B 72 4.20 2.92 -30.92
C SER B 72 2.93 2.77 -30.10
N THR B 73 3.07 2.09 -28.98
CA THR B 73 1.93 1.88 -28.11
C THR B 73 2.21 2.48 -26.72
N GLN B 74 1.16 2.81 -26.00
CA GLN B 74 1.30 3.38 -24.67
C GLN B 74 0.28 2.80 -23.72
N SER B 75 0.65 2.70 -22.45
CA SER B 75 -0.23 2.16 -21.43
C SER B 75 -0.24 3.06 -20.21
N GLU B 76 -1.44 3.45 -19.77
CA GLU B 76 -1.57 4.32 -18.61
C GLU B 76 -2.10 3.60 -17.39
N LEU B 77 -1.57 3.96 -16.23
CA LEU B 77 -1.97 3.38 -14.94
C LEU B 77 -2.26 4.54 -14.02
N THR B 78 -3.35 4.44 -13.26
CA THR B 78 -3.72 5.50 -12.33
C THR B 78 -3.55 5.04 -10.88
N LEU B 79 -3.26 5.97 -9.98
CA LEU B 79 -3.06 5.66 -8.58
C LEU B 79 -3.60 6.79 -7.73
N SER B 80 -4.00 6.46 -6.51
CA SER B 80 -4.52 7.48 -5.61
C SER B 80 -3.30 8.16 -5.01
N GLN B 81 -3.49 9.36 -4.48
CA GLN B 81 -2.40 10.11 -3.88
C GLN B 81 -1.77 9.23 -2.82
N LYS B 82 -2.58 8.72 -1.90
CA LYS B 82 -2.07 7.86 -0.83
C LYS B 82 -1.14 6.78 -1.40
N HIS B 83 -1.66 5.94 -2.28
CA HIS B 83 -0.87 4.89 -2.88
C HIS B 83 0.47 5.40 -3.33
N TRP B 84 0.45 6.50 -4.09
CA TRP B 84 1.68 7.08 -4.61
C TRP B 84 2.61 7.53 -3.49
N LEU B 85 2.03 8.12 -2.46
CA LEU B 85 2.79 8.62 -1.32
C LEU B 85 3.43 7.53 -0.47
N SER B 86 2.94 6.29 -0.59
CA SER B 86 3.49 5.18 0.18
C SER B 86 4.81 4.65 -0.42
N ASP B 87 5.41 5.45 -1.30
CA ASP B 87 6.68 5.11 -1.93
C ASP B 87 6.73 3.74 -2.60
N ARG B 88 5.58 3.18 -2.96
CA ARG B 88 5.59 1.88 -3.63
C ARG B 88 6.24 2.08 -4.98
N THR B 89 7.02 1.10 -5.41
CA THR B 89 7.71 1.20 -6.69
C THR B 89 6.91 0.54 -7.80
N TYR B 90 6.74 1.25 -8.91
CA TYR B 90 5.98 0.73 -10.04
C TYR B 90 6.84 0.41 -11.26
N THR B 91 6.50 -0.69 -11.96
CA THR B 91 7.26 -1.14 -13.14
C THR B 91 6.36 -1.37 -14.36
N CYS B 92 6.89 -1.08 -15.55
CA CYS B 92 6.13 -1.28 -16.77
C CYS B 92 6.88 -2.25 -17.68
N GLN B 93 6.33 -3.46 -17.84
CA GLN B 93 6.97 -4.49 -18.65
C GLN B 93 6.45 -4.73 -20.04
N VAL B 94 7.38 -4.70 -20.98
CA VAL B 94 7.07 -4.93 -22.36
C VAL B 94 7.65 -6.27 -22.77
N THR B 95 6.89 -7.01 -23.56
CA THR B 95 7.33 -8.30 -24.03
C THR B 95 7.41 -8.24 -25.55
N TYR B 96 8.60 -8.44 -26.09
CA TYR B 96 8.83 -8.42 -27.54
C TYR B 96 10.04 -9.33 -27.78
N GLN B 97 9.91 -10.24 -28.75
CA GLN B 97 10.99 -11.18 -29.07
C GLN B 97 11.59 -11.78 -27.79
N GLY B 98 10.82 -12.64 -27.14
CA GLY B 98 11.29 -13.27 -25.91
C GLY B 98 11.52 -12.34 -24.72
N HIS B 99 12.79 -12.04 -24.46
CA HIS B 99 13.15 -11.17 -23.34
C HIS B 99 12.31 -9.90 -23.27
N THR B 100 11.83 -9.59 -22.07
CA THR B 100 11.00 -8.43 -21.83
C THR B 100 11.89 -7.22 -21.51
N PHE B 101 11.40 -6.04 -21.87
CA PHE B 101 12.11 -4.79 -21.62
C PHE B 101 11.30 -4.12 -20.52
N GLU B 102 11.85 -3.08 -19.88
CA GLU B 102 11.08 -2.42 -18.83
C GLU B 102 11.66 -1.12 -18.31
N ASP B 103 10.86 -0.46 -17.48
CA ASP B 103 11.22 0.80 -16.84
C ASP B 103 10.46 0.88 -15.52
N SER B 104 11.08 1.51 -14.53
CA SER B 104 10.47 1.65 -13.21
C SER B 104 10.49 3.07 -12.69
N THR B 105 9.63 3.34 -11.72
CA THR B 105 9.54 4.67 -11.12
C THR B 105 8.97 4.62 -9.72
N LYS B 106 9.22 5.67 -8.96
CA LYS B 106 8.72 5.77 -7.61
C LYS B 106 8.67 7.24 -7.27
N LYS B 107 7.99 7.56 -6.18
CA LYS B 107 7.92 8.93 -5.72
C LYS B 107 9.37 9.37 -5.65
N CYS B 108 9.66 10.61 -6.02
CA CYS B 108 11.04 11.09 -5.98
C CYS B 108 11.42 11.31 -4.54
N ALA B 109 12.66 10.98 -4.22
CA ALA B 109 13.18 11.13 -2.88
C ALA B 109 13.18 12.58 -2.42
N ASP B 110 12.66 12.82 -1.22
CA ASP B 110 12.61 14.16 -0.67
C ASP B 110 13.99 14.79 -0.61
N SER B 111 14.05 16.11 -0.81
CA SER B 111 15.28 16.87 -0.79
C SER B 111 16.28 16.36 0.25
N ASN B 112 15.95 16.56 1.52
CA ASN B 112 16.83 16.13 2.60
C ASN B 112 16.57 14.66 2.95
N PRO B 113 17.55 13.77 2.71
CA PRO B 113 17.39 12.34 3.01
C PRO B 113 17.61 12.04 4.50
N ARG B 114 16.78 11.16 5.06
CA ARG B 114 16.82 10.76 6.48
C ARG B 114 18.16 10.40 7.09
N GLY B 115 18.09 9.79 8.27
CA GLY B 115 19.28 9.36 8.98
C GLY B 115 19.24 7.86 9.23
N VAL B 116 20.31 7.31 9.82
CA VAL B 116 20.40 5.88 10.09
C VAL B 116 19.53 5.39 11.26
N SER B 117 18.85 4.27 11.03
CA SER B 117 17.98 3.68 12.04
C SER B 117 18.34 2.20 12.18
N ALA B 118 18.50 1.74 13.41
CA ALA B 118 18.86 0.35 13.64
C ALA B 118 17.78 -0.44 14.33
N TYR B 119 17.55 -1.66 13.85
CA TYR B 119 16.52 -2.55 14.41
C TYR B 119 17.13 -3.90 14.78
N LEU B 120 16.68 -4.46 15.90
CA LEU B 120 17.15 -5.76 16.38
C LEU B 120 15.97 -6.72 16.48
N SER B 121 15.92 -7.69 15.55
CA SER B 121 14.85 -8.68 15.50
C SER B 121 14.96 -9.69 16.63
N ARG B 122 14.17 -10.74 16.54
CA ARG B 122 14.17 -11.75 17.58
C ARG B 122 14.03 -13.12 16.91
N PRO B 123 14.53 -14.18 17.56
CA PRO B 123 14.41 -15.51 16.96
C PRO B 123 12.97 -15.76 16.56
N SER B 124 12.77 -16.36 15.39
CA SER B 124 11.42 -16.66 14.94
C SER B 124 11.04 -17.96 15.63
N PRO B 125 9.76 -18.13 15.97
CA PRO B 125 9.40 -19.39 16.61
C PRO B 125 9.82 -20.60 15.76
N PHE B 126 9.77 -20.45 14.45
CA PHE B 126 10.13 -21.52 13.53
C PHE B 126 11.59 -21.98 13.66
N ASP B 127 12.52 -21.02 13.61
CA ASP B 127 13.95 -21.31 13.74
C ASP B 127 14.19 -21.86 15.13
N LEU B 128 13.56 -21.22 16.10
CA LEU B 128 13.69 -21.60 17.48
C LEU B 128 13.20 -23.03 17.80
N PHE B 129 12.06 -23.45 17.25
CA PHE B 129 11.53 -24.77 17.56
C PHE B 129 11.46 -25.83 16.47
N ILE B 130 11.42 -25.40 15.21
CA ILE B 130 11.36 -26.36 14.12
C ILE B 130 12.78 -26.66 13.68
N ARG B 131 13.53 -25.64 13.26
CA ARG B 131 14.92 -25.85 12.81
C ARG B 131 15.89 -26.01 13.97
N LYS B 132 15.50 -25.52 15.14
CA LYS B 132 16.33 -25.58 16.32
C LYS B 132 17.68 -24.96 15.98
N SER B 133 17.63 -23.80 15.37
CA SER B 133 18.81 -23.06 14.99
C SER B 133 18.41 -21.59 14.89
N PRO B 134 18.13 -20.97 16.05
CA PRO B 134 17.71 -19.57 16.21
C PRO B 134 18.81 -18.52 16.07
N THR B 135 18.43 -17.37 15.52
CA THR B 135 19.36 -16.28 15.33
C THR B 135 18.60 -14.98 15.46
N ILE B 136 19.29 -13.93 15.85
CA ILE B 136 18.68 -12.60 15.96
C ILE B 136 19.42 -11.75 14.96
N THR B 137 18.71 -10.87 14.25
CA THR B 137 19.35 -10.03 13.24
C THR B 137 19.42 -8.55 13.61
N CYS B 138 20.57 -7.93 13.34
CA CYS B 138 20.73 -6.51 13.58
C CYS B 138 20.80 -5.86 12.20
N LEU B 139 19.88 -4.93 11.96
CA LEU B 139 19.78 -4.24 10.68
C LEU B 139 19.90 -2.74 10.83
N VAL B 140 20.89 -2.17 10.13
CA VAL B 140 21.15 -0.74 10.14
C VAL B 140 20.79 -0.22 8.75
N VAL B 141 19.84 0.69 8.68
CA VAL B 141 19.40 1.22 7.41
C VAL B 141 19.69 2.69 7.17
N ASP B 142 19.55 3.10 5.91
CA ASP B 142 19.77 4.49 5.48
C ASP B 142 21.16 4.99 5.85
N LEU B 143 22.19 4.21 5.50
CA LEU B 143 23.54 4.61 5.84
C LEU B 143 24.22 5.34 4.69
N ALA B 144 24.98 6.38 5.01
CA ALA B 144 25.70 7.14 4.00
C ALA B 144 26.99 6.37 3.75
N PRO B 145 27.05 5.64 2.61
CA PRO B 145 28.22 4.84 2.24
C PRO B 145 29.52 5.62 2.08
N SER B 146 30.26 5.28 1.02
CA SER B 146 31.53 5.89 0.68
C SER B 146 32.48 6.07 1.88
N LYS B 147 32.53 7.30 2.43
CA LYS B 147 33.40 7.57 3.56
C LYS B 147 32.98 6.81 4.80
N GLY B 148 33.95 6.09 5.38
CA GLY B 148 33.69 5.31 6.57
C GLY B 148 32.89 4.04 6.34
N THR B 149 32.80 3.23 7.38
CA THR B 149 32.06 1.98 7.36
C THR B 149 31.54 1.76 8.78
N VAL B 150 30.36 1.16 8.90
CA VAL B 150 29.74 0.93 10.20
C VAL B 150 30.25 -0.29 10.97
N GLN B 151 30.62 -0.06 12.23
CA GLN B 151 31.10 -1.13 13.10
C GLN B 151 29.96 -1.59 13.99
N LEU B 152 29.50 -2.81 13.74
CA LEU B 152 28.40 -3.39 14.47
C LEU B 152 28.89 -4.57 15.30
N THR B 153 28.82 -4.44 16.62
CA THR B 153 29.31 -5.49 17.52
C THR B 153 28.26 -5.99 18.54
N TRP B 154 28.21 -7.31 18.72
CA TRP B 154 27.28 -7.99 19.63
C TRP B 154 27.81 -8.22 21.04
N SER B 155 26.91 -8.62 21.95
CA SER B 155 27.28 -8.91 23.32
C SER B 155 26.09 -9.40 24.13
N ARG B 156 26.36 -10.17 25.18
CA ARG B 156 25.32 -10.70 26.06
C ARG B 156 25.38 -10.00 27.43
N ALA B 157 24.21 -9.80 28.04
CA ALA B 157 24.11 -9.17 29.35
C ALA B 157 24.86 -9.98 30.39
N SER B 158 24.86 -11.30 30.22
CA SER B 158 25.54 -12.18 31.14
C SER B 158 27.06 -12.00 31.01
N GLY B 159 27.47 -11.33 29.94
CA GLY B 159 28.89 -11.10 29.70
C GLY B 159 29.54 -12.28 29.02
N LYS B 160 28.83 -13.40 28.96
CA LYS B 160 29.38 -14.60 28.32
C LYS B 160 29.72 -14.34 26.84
N PRO B 161 30.42 -15.28 26.20
CA PRO B 161 30.82 -15.14 24.79
C PRO B 161 29.69 -15.25 23.78
N VAL B 162 29.84 -14.53 22.67
CA VAL B 162 28.86 -14.55 21.60
C VAL B 162 29.48 -15.30 20.42
N ASN B 163 28.65 -15.98 19.63
CA ASN B 163 29.16 -16.71 18.48
C ASN B 163 29.61 -15.75 17.40
N HIS B 164 30.15 -16.29 16.32
CA HIS B 164 30.55 -15.45 15.21
C HIS B 164 29.29 -15.19 14.42
N SER B 165 29.07 -13.93 14.10
CA SER B 165 27.92 -13.50 13.35
C SER B 165 28.38 -13.35 11.91
N THR B 166 27.44 -13.31 10.99
CA THR B 166 27.77 -13.13 9.60
C THR B 166 27.21 -11.77 9.25
N ARG B 167 27.93 -11.05 8.41
CA ARG B 167 27.50 -9.72 8.04
C ARG B 167 27.24 -9.62 6.55
N LYS B 168 26.31 -8.74 6.18
CA LYS B 168 25.94 -8.49 4.79
C LYS B 168 25.75 -7.00 4.58
N GLU B 169 26.33 -6.47 3.51
CA GLU B 169 26.18 -5.07 3.19
C GLU B 169 25.54 -4.94 1.81
N GLU B 170 24.36 -4.31 1.77
CA GLU B 170 23.63 -4.12 0.53
C GLU B 170 23.29 -2.68 0.21
N LYS B 171 23.67 -2.26 -0.99
CA LYS B 171 23.39 -0.91 -1.47
C LYS B 171 21.97 -0.94 -2.01
N GLN B 172 21.14 -0.04 -1.52
CA GLN B 172 19.75 0.00 -1.96
C GLN B 172 19.58 0.88 -3.20
N ARG B 173 18.48 0.69 -3.91
CA ARG B 173 18.22 1.46 -5.12
C ARG B 173 18.11 2.96 -4.86
N ASN B 174 17.84 3.33 -3.61
CA ASN B 174 17.72 4.73 -3.24
C ASN B 174 19.05 5.24 -2.77
N GLY B 175 20.12 4.54 -3.17
CA GLY B 175 21.46 4.94 -2.79
C GLY B 175 21.81 4.78 -1.31
N THR B 176 20.89 4.32 -0.48
CA THR B 176 21.22 4.15 0.94
C THR B 176 21.96 2.83 1.10
N LEU B 177 22.43 2.56 2.31
CA LEU B 177 23.14 1.32 2.55
C LEU B 177 22.50 0.57 3.68
N THR B 178 22.51 -0.75 3.57
CA THR B 178 21.95 -1.64 4.57
C THR B 178 23.02 -2.61 5.06
N VAL B 179 23.22 -2.67 6.37
CA VAL B 179 24.20 -3.61 6.95
C VAL B 179 23.46 -4.56 7.87
N THR B 180 23.49 -5.84 7.51
CA THR B 180 22.79 -6.87 8.26
C THR B 180 23.67 -7.88 8.97
N SER B 181 23.73 -7.76 10.29
CA SER B 181 24.49 -8.71 11.06
C SER B 181 23.46 -9.63 11.69
N THR B 182 23.62 -10.93 11.45
CA THR B 182 22.70 -11.90 11.99
C THR B 182 23.51 -12.87 12.86
N LEU B 183 23.13 -12.97 14.13
CA LEU B 183 23.85 -13.79 15.09
C LEU B 183 23.20 -15.06 15.64
N PRO B 184 23.88 -16.19 15.51
CA PRO B 184 23.33 -17.44 16.03
C PRO B 184 23.32 -17.34 17.55
N VAL B 185 22.22 -17.78 18.15
CA VAL B 185 22.05 -17.73 19.58
C VAL B 185 21.74 -19.12 20.09
N GLY B 186 21.97 -19.37 21.38
CA GLY B 186 21.68 -20.67 21.95
C GLY B 186 20.20 -20.77 22.25
N THR B 187 19.60 -21.93 22.01
CA THR B 187 18.17 -22.09 22.28
C THR B 187 17.92 -22.07 23.78
N ARG B 188 18.76 -22.80 24.50
CA ARG B 188 18.66 -22.88 25.95
C ARG B 188 18.88 -21.46 26.47
N ASP B 189 19.88 -20.80 25.91
CA ASP B 189 20.24 -19.45 26.29
C ASP B 189 19.14 -18.42 26.06
N TRP B 190 18.47 -18.51 24.92
CA TRP B 190 17.41 -17.57 24.62
C TRP B 190 16.24 -17.89 25.52
N ILE B 191 15.82 -19.14 25.48
CA ILE B 191 14.71 -19.61 26.28
C ILE B 191 14.82 -19.20 27.75
N GLU B 192 16.04 -19.15 28.28
CA GLU B 192 16.22 -18.80 29.68
C GLU B 192 16.38 -17.33 30.03
N GLY B 193 16.11 -16.45 29.08
CA GLY B 193 16.17 -15.02 29.38
C GLY B 193 17.42 -14.22 29.08
N GLU B 194 18.36 -14.79 28.32
CA GLU B 194 19.56 -14.04 28.00
C GLU B 194 19.17 -12.81 27.18
N THR B 195 19.80 -11.68 27.47
CA THR B 195 19.51 -10.44 26.77
C THR B 195 20.69 -10.08 25.86
N TYR B 196 20.42 -9.94 24.56
CA TYR B 196 21.49 -9.63 23.62
C TYR B 196 21.47 -8.18 23.17
N GLN B 197 22.65 -7.59 23.06
CA GLN B 197 22.73 -6.21 22.63
C GLN B 197 23.54 -6.03 21.37
N CYS B 198 22.99 -5.25 20.45
CA CYS B 198 23.65 -4.94 19.20
C CYS B 198 24.08 -3.48 19.33
N ARG B 199 25.33 -3.18 19.02
CA ARG B 199 25.81 -1.81 19.11
C ARG B 199 26.43 -1.34 17.79
N VAL B 200 25.88 -0.27 17.26
CA VAL B 200 26.34 0.30 16.00
C VAL B 200 27.17 1.57 16.20
N THR B 201 28.15 1.76 15.34
CA THR B 201 29.02 2.93 15.42
C THR B 201 29.46 3.38 14.04
N HIS B 202 29.89 4.63 13.96
CA HIS B 202 30.37 5.19 12.70
C HIS B 202 30.73 6.65 12.94
N PRO B 203 31.82 7.12 12.32
CA PRO B 203 32.28 8.52 12.46
C PRO B 203 31.24 9.55 11.99
N HIS B 204 30.34 9.12 11.09
CA HIS B 204 29.28 9.98 10.57
C HIS B 204 28.05 9.77 11.45
N LEU B 205 28.30 9.17 12.62
CA LEU B 205 27.28 8.90 13.61
C LEU B 205 27.68 9.59 14.90
N PRO B 206 26.76 10.35 15.50
CA PRO B 206 27.04 11.07 16.75
C PRO B 206 27.56 10.11 17.81
N ARG B 207 26.67 9.62 18.66
CA ARG B 207 27.04 8.67 19.68
C ARG B 207 26.59 7.29 19.21
N ALA B 208 27.17 6.26 19.80
CA ALA B 208 26.87 4.88 19.43
C ALA B 208 25.40 4.52 19.60
N LEU B 209 24.94 3.57 18.79
CA LEU B 209 23.56 3.09 18.83
C LEU B 209 23.55 1.74 19.56
N MET B 210 22.46 1.45 20.24
CA MET B 210 22.34 0.20 20.97
C MET B 210 20.91 -0.30 21.04
N ARG B 211 20.71 -1.55 20.61
CA ARG B 211 19.41 -2.19 20.61
C ARG B 211 19.58 -3.51 21.34
N SER B 212 18.60 -3.88 22.14
CA SER B 212 18.68 -5.14 22.84
C SER B 212 17.45 -5.99 22.55
N THR B 213 17.56 -7.27 22.86
CA THR B 213 16.48 -8.20 22.63
C THR B 213 16.60 -9.35 23.64
N THR B 214 15.46 -9.85 24.08
CA THR B 214 15.42 -10.94 25.04
C THR B 214 14.02 -11.58 24.95
N LYS B 215 13.91 -12.84 25.34
CA LYS B 215 12.63 -13.56 25.28
C LYS B 215 11.49 -12.71 25.79
N THR B 216 10.39 -12.63 25.04
CA THR B 216 9.23 -11.86 25.49
C THR B 216 8.79 -12.37 26.86
N SER B 217 8.41 -11.46 27.75
CA SER B 217 7.99 -11.81 29.10
C SER B 217 6.46 -11.95 29.22
N GLY B 218 6.00 -12.24 30.44
CA GLY B 218 4.58 -12.36 30.67
C GLY B 218 3.99 -13.75 30.58
N PRO B 219 2.64 -13.87 30.53
CA PRO B 219 1.91 -15.14 30.42
C PRO B 219 2.08 -15.84 29.07
N ARG B 220 1.75 -17.12 29.06
CA ARG B 220 1.83 -17.90 27.84
C ARG B 220 0.46 -18.51 27.64
N ALA B 221 0.11 -18.73 26.38
CA ALA B 221 -1.17 -19.33 26.01
C ALA B 221 -0.94 -19.99 24.67
N ALA B 222 -1.38 -21.24 24.57
CA ALA B 222 -1.25 -22.05 23.38
C ALA B 222 -2.20 -21.56 22.30
N PRO B 223 -1.75 -21.55 21.04
CA PRO B 223 -2.60 -21.09 19.95
C PRO B 223 -3.64 -22.13 19.51
N GLU B 224 -4.80 -21.64 19.08
CA GLU B 224 -5.86 -22.51 18.59
C GLU B 224 -5.80 -22.35 17.07
N VAL B 225 -6.00 -23.42 16.33
CA VAL B 225 -5.92 -23.33 14.89
C VAL B 225 -7.17 -23.85 14.18
N TYR B 226 -7.64 -23.06 13.22
CA TYR B 226 -8.82 -23.41 12.42
C TYR B 226 -8.54 -23.16 10.96
N ALA B 227 -8.70 -24.17 10.13
CA ALA B 227 -8.47 -24.01 8.71
C ALA B 227 -9.82 -24.15 8.03
N PHE B 228 -10.15 -23.22 7.15
CA PHE B 228 -11.42 -23.27 6.44
C PHE B 228 -11.19 -23.27 4.96
N ALA B 229 -12.25 -23.49 4.19
CA ALA B 229 -12.18 -23.49 2.74
C ALA B 229 -13.41 -22.77 2.23
N THR B 230 -13.25 -21.83 1.30
CA THR B 230 -14.44 -21.17 0.77
C THR B 230 -15.11 -22.21 -0.08
N PRO B 231 -16.44 -22.11 -0.27
CA PRO B 231 -17.20 -23.06 -1.08
C PRO B 231 -16.84 -23.05 -2.57
N GLU B 232 -17.18 -24.11 -3.27
CA GLU B 232 -16.89 -24.16 -4.68
C GLU B 232 -18.03 -23.48 -5.40
N TRP B 233 -17.73 -22.56 -6.28
CA TRP B 233 -18.78 -21.88 -7.02
C TRP B 233 -18.30 -21.62 -8.44
N PRO B 234 -19.23 -21.36 -9.37
CA PRO B 234 -18.87 -21.09 -10.75
C PRO B 234 -17.77 -20.04 -10.95
N GLY B 235 -17.67 -19.10 -10.02
CA GLY B 235 -16.66 -18.05 -10.11
C GLY B 235 -15.23 -18.48 -9.79
N SER B 236 -15.09 -19.55 -9.01
CA SER B 236 -13.78 -20.05 -8.66
C SER B 236 -13.84 -21.56 -8.76
N ARG B 237 -13.63 -22.07 -9.96
CA ARG B 237 -13.69 -23.51 -10.13
C ARG B 237 -12.35 -24.23 -10.30
N ASP B 238 -11.31 -23.52 -10.70
CA ASP B 238 -10.00 -24.16 -10.83
C ASP B 238 -9.02 -23.67 -9.76
N LYS B 239 -9.52 -22.83 -8.87
CA LYS B 239 -8.73 -22.31 -7.76
C LYS B 239 -9.69 -22.25 -6.61
N ARG B 240 -9.16 -22.34 -5.40
CA ARG B 240 -9.99 -22.27 -4.21
C ARG B 240 -9.25 -21.48 -3.14
N THR B 241 -9.99 -20.76 -2.31
CA THR B 241 -9.38 -19.96 -1.28
C THR B 241 -9.47 -20.63 0.08
N LEU B 242 -8.30 -20.84 0.69
CA LEU B 242 -8.20 -21.45 2.02
C LEU B 242 -7.90 -20.35 3.03
N ALA B 243 -8.38 -20.53 4.23
CA ALA B 243 -8.17 -19.53 5.27
C ALA B 243 -7.87 -20.26 6.56
N CYS B 244 -7.21 -19.57 7.46
CA CYS B 244 -6.86 -20.17 8.73
C CYS B 244 -6.87 -19.10 9.77
N LEU B 245 -7.43 -19.42 10.92
CA LEU B 245 -7.48 -18.49 12.02
C LEU B 245 -6.72 -19.12 13.16
N ILE B 246 -5.67 -18.44 13.64
CA ILE B 246 -4.87 -18.89 14.78
C ILE B 246 -5.11 -17.85 15.86
N GLN B 247 -5.58 -18.25 17.04
CA GLN B 247 -5.87 -17.28 18.08
C GLN B 247 -5.59 -17.66 19.53
N ASN B 248 -5.74 -16.65 20.40
CA ASN B 248 -5.55 -16.75 21.84
C ASN B 248 -4.20 -17.25 22.31
N PHE B 249 -3.14 -16.92 21.59
CA PHE B 249 -1.83 -17.34 22.00
C PHE B 249 -1.12 -16.16 22.62
N MET B 250 -0.17 -16.48 23.49
CA MET B 250 0.64 -15.49 24.19
C MET B 250 1.97 -16.16 24.52
N PRO B 251 3.09 -15.47 24.27
CA PRO B 251 3.14 -14.13 23.69
C PRO B 251 2.89 -14.06 22.20
N GLU B 252 3.00 -12.84 21.69
CA GLU B 252 2.79 -12.52 20.30
C GLU B 252 3.56 -13.32 19.26
N ASP B 253 4.79 -13.67 19.57
CA ASP B 253 5.65 -14.41 18.65
C ASP B 253 5.06 -15.70 18.13
N ILE B 254 4.94 -15.81 16.81
CA ILE B 254 4.41 -17.00 16.16
C ILE B 254 4.79 -17.12 14.66
N SER B 255 5.07 -18.34 14.22
CA SER B 255 5.42 -18.59 12.82
C SER B 255 4.26 -19.38 12.21
N VAL B 256 3.84 -19.00 11.01
CA VAL B 256 2.74 -19.71 10.35
C VAL B 256 3.10 -20.16 8.95
N GLN B 257 2.89 -21.45 8.66
CA GLN B 257 3.17 -22.01 7.35
C GLN B 257 2.02 -22.86 6.89
N TRP B 258 2.01 -23.13 5.59
CA TRP B 258 1.00 -23.99 5.00
C TRP B 258 1.80 -25.14 4.44
N LEU B 259 1.44 -26.34 4.82
CA LEU B 259 2.17 -27.51 4.34
C LEU B 259 1.27 -28.20 3.35
N HIS B 260 1.86 -28.74 2.29
CA HIS B 260 1.10 -29.45 1.29
C HIS B 260 1.94 -30.49 0.59
N ASN B 261 1.43 -31.71 0.56
CA ASN B 261 2.12 -32.79 -0.11
C ASN B 261 3.55 -32.87 0.38
N GLU B 262 3.72 -32.83 1.69
CA GLU B 262 5.04 -32.92 2.28
C GLU B 262 5.96 -31.79 1.90
N VAL B 263 5.38 -30.68 1.45
CA VAL B 263 6.17 -29.52 1.10
C VAL B 263 5.74 -28.36 1.97
N GLN B 264 6.71 -27.54 2.35
CA GLN B 264 6.41 -26.38 3.14
C GLN B 264 6.37 -25.26 2.13
N LEU B 265 5.17 -24.87 1.71
CA LEU B 265 5.01 -23.82 0.72
C LEU B 265 5.79 -22.56 1.03
N PRO B 266 6.13 -21.78 -0.01
CA PRO B 266 6.88 -20.54 0.13
C PRO B 266 6.07 -19.52 0.91
N ASP B 267 6.74 -18.68 1.69
CA ASP B 267 6.06 -17.65 2.47
C ASP B 267 5.18 -16.81 1.55
N ALA B 268 5.74 -16.44 0.41
CA ALA B 268 5.06 -15.62 -0.59
C ALA B 268 3.70 -16.16 -1.00
N ARG B 269 3.53 -17.47 -0.90
CA ARG B 269 2.26 -18.12 -1.29
C ARG B 269 1.03 -17.62 -0.52
N HIS B 270 1.22 -17.30 0.75
CA HIS B 270 0.11 -16.86 1.56
C HIS B 270 0.21 -15.47 2.12
N SER B 271 -0.95 -14.94 2.49
CA SER B 271 -1.03 -13.62 3.05
C SER B 271 -1.44 -13.81 4.51
N THR B 272 -0.51 -13.58 5.43
CA THR B 272 -0.79 -13.76 6.86
C THR B 272 -0.62 -12.47 7.64
N THR B 273 -1.66 -12.10 8.39
CA THR B 273 -1.65 -10.88 9.18
C THR B 273 -0.67 -10.89 10.35
N GLN B 274 -0.50 -9.72 10.98
CA GLN B 274 0.38 -9.62 12.12
C GLN B 274 -0.53 -9.68 13.33
N PRO B 275 -0.08 -10.33 14.42
CA PRO B 275 -0.81 -10.51 15.68
C PRO B 275 -1.50 -9.28 16.24
N ARG B 276 -2.77 -9.42 16.56
CA ARG B 276 -3.55 -8.34 17.14
C ARG B 276 -4.13 -8.87 18.43
N LYS B 277 -4.41 -7.98 19.37
CA LYS B 277 -4.97 -8.41 20.64
C LYS B 277 -6.42 -8.81 20.40
N THR B 278 -6.78 -10.00 20.87
CA THR B 278 -8.14 -10.48 20.71
C THR B 278 -9.02 -9.58 21.55
N LYS B 279 -9.15 -9.94 22.82
CA LYS B 279 -9.94 -9.20 23.79
C LYS B 279 -9.24 -9.49 25.12
N GLY B 280 -7.92 -9.37 25.09
CA GLY B 280 -7.12 -9.65 26.27
C GLY B 280 -6.85 -11.13 26.35
N SER B 281 -7.76 -11.91 25.76
CA SER B 281 -7.65 -13.36 25.75
C SER B 281 -6.34 -13.81 25.08
N GLY B 282 -5.64 -12.84 24.47
CA GLY B 282 -4.37 -13.11 23.80
C GLY B 282 -4.29 -12.46 22.43
N PHE B 283 -3.62 -13.12 21.50
CA PHE B 283 -3.48 -12.59 20.15
C PHE B 283 -4.12 -13.51 19.15
N PHE B 284 -4.37 -12.99 17.96
CA PHE B 284 -4.95 -13.76 16.88
C PHE B 284 -4.33 -13.31 15.56
N VAL B 285 -4.29 -14.24 14.61
CA VAL B 285 -3.74 -14.01 13.29
C VAL B 285 -4.63 -14.70 12.26
N PHE B 286 -4.70 -14.14 11.06
CA PHE B 286 -5.51 -14.72 9.99
C PHE B 286 -4.59 -14.99 8.81
N SER B 287 -4.74 -16.14 8.19
CA SER B 287 -3.93 -16.48 7.04
C SER B 287 -4.88 -16.91 5.93
N ARG B 288 -4.54 -16.51 4.72
CA ARG B 288 -5.34 -16.80 3.53
C ARG B 288 -4.41 -17.35 2.45
N LEU B 289 -4.78 -18.49 1.87
CA LEU B 289 -3.98 -19.10 0.82
C LEU B 289 -4.85 -19.55 -0.33
N GLU B 290 -4.46 -19.13 -1.54
CA GLU B 290 -5.18 -19.51 -2.75
C GLU B 290 -4.49 -20.71 -3.33
N VAL B 291 -5.20 -21.84 -3.40
CA VAL B 291 -4.66 -23.07 -3.94
C VAL B 291 -5.26 -23.35 -5.30
N THR B 292 -4.56 -24.13 -6.12
CA THR B 292 -5.03 -24.46 -7.46
C THR B 292 -5.43 -25.93 -7.62
N ARG B 293 -6.23 -26.20 -8.64
CA ARG B 293 -6.73 -27.55 -8.95
C ARG B 293 -5.58 -28.53 -9.07
N ALA B 294 -4.54 -28.11 -9.79
CA ALA B 294 -3.39 -28.94 -9.97
C ALA B 294 -2.89 -29.38 -8.61
N GLU B 295 -2.74 -28.42 -7.70
CA GLU B 295 -2.24 -28.71 -6.36
C GLU B 295 -3.08 -29.72 -5.59
N TRP B 296 -4.39 -29.50 -5.54
CA TRP B 296 -5.25 -30.40 -4.80
C TRP B 296 -5.47 -31.71 -5.52
N GLU B 297 -5.15 -31.73 -6.80
CA GLU B 297 -5.28 -32.96 -7.52
C GLU B 297 -4.03 -33.79 -7.24
N GLN B 298 -2.94 -33.12 -6.87
CA GLN B 298 -1.69 -33.83 -6.54
C GLN B 298 -2.01 -34.52 -5.22
N LYS B 299 -2.46 -33.73 -4.26
CA LYS B 299 -2.82 -34.21 -2.93
C LYS B 299 -3.88 -33.26 -2.37
N ASP B 300 -5.10 -33.75 -2.19
CA ASP B 300 -6.19 -32.92 -1.69
C ASP B 300 -6.16 -32.71 -0.19
N GLU B 301 -5.05 -32.17 0.32
CA GLU B 301 -4.89 -31.87 1.74
C GLU B 301 -3.86 -30.77 1.99
N PHE B 302 -4.32 -29.69 2.61
CA PHE B 302 -3.49 -28.54 2.93
C PHE B 302 -3.56 -28.32 4.44
N ILE B 303 -2.41 -28.33 5.11
CA ILE B 303 -2.44 -28.14 6.55
C ILE B 303 -1.89 -26.79 6.96
N CYS B 304 -2.62 -26.15 7.87
CA CYS B 304 -2.23 -24.86 8.39
C CYS B 304 -1.49 -25.12 9.71
N ARG B 305 -0.21 -24.79 9.73
CA ARG B 305 0.55 -24.99 10.94
C ARG B 305 1.11 -23.73 11.57
N ALA B 306 0.97 -23.68 12.88
CA ALA B 306 1.47 -22.57 13.68
C ALA B 306 2.52 -23.12 14.64
N VAL B 307 3.60 -22.39 14.81
CA VAL B 307 4.67 -22.76 15.74
C VAL B 307 4.69 -21.72 16.84
N HIS B 308 4.59 -22.16 18.08
CA HIS B 308 4.55 -21.22 19.18
C HIS B 308 5.12 -21.94 20.39
N GLU B 309 5.93 -21.25 21.18
CA GLU B 309 6.56 -21.87 22.33
C GLU B 309 5.59 -22.57 23.28
N ALA B 310 4.40 -22.00 23.43
CA ALA B 310 3.38 -22.53 24.35
C ALA B 310 2.56 -23.71 23.82
N ALA B 311 2.87 -24.20 22.63
CA ALA B 311 2.12 -25.31 22.07
C ALA B 311 2.76 -26.63 22.50
N SER B 312 1.94 -27.55 22.97
CA SER B 312 2.40 -28.86 23.43
C SER B 312 2.11 -29.94 22.42
N PRO B 313 2.97 -30.96 22.34
CA PRO B 313 4.17 -31.13 23.16
C PRO B 313 5.42 -30.64 22.45
N SER B 314 5.25 -30.32 21.17
CA SER B 314 6.37 -29.89 20.34
C SER B 314 6.19 -28.52 19.71
N GLN B 315 5.77 -27.52 20.48
CA GLN B 315 5.57 -26.15 19.97
C GLN B 315 4.83 -26.07 18.64
N THR B 316 3.95 -27.02 18.36
CA THR B 316 3.21 -27.04 17.10
C THR B 316 1.72 -27.37 17.25
N VAL B 317 0.91 -26.72 16.42
CA VAL B 317 -0.54 -26.95 16.38
C VAL B 317 -0.91 -26.83 14.91
N GLN B 318 -1.79 -27.69 14.41
CA GLN B 318 -2.13 -27.64 13.00
C GLN B 318 -3.45 -28.25 12.65
N ARG B 319 -4.01 -27.78 11.55
CA ARG B 319 -5.29 -28.28 11.06
C ARG B 319 -5.22 -28.41 9.56
N ALA B 320 -5.76 -29.51 9.05
CA ALA B 320 -5.78 -29.76 7.61
C ALA B 320 -7.15 -29.44 7.04
N VAL B 321 -7.20 -29.08 5.76
CA VAL B 321 -8.46 -28.78 5.09
C VAL B 321 -8.40 -29.31 3.66
N SER B 322 -9.56 -29.69 3.11
CA SER B 322 -9.60 -30.22 1.75
C SER B 322 -10.63 -29.46 0.96
N VAL B 323 -10.38 -29.29 -0.34
CA VAL B 323 -11.31 -28.56 -1.18
C VAL B 323 -12.31 -29.52 -1.79
N ASN B 324 -11.99 -30.81 -1.74
CA ASN B 324 -12.89 -31.81 -2.31
C ASN B 324 -13.31 -32.92 -1.38
N PRO B 325 -14.57 -33.36 -1.53
CA PRO B 325 -15.13 -34.42 -0.70
C PRO B 325 -14.26 -35.65 -0.86
N GLY B 326 -13.54 -36.00 0.20
CA GLY B 326 -12.69 -37.17 0.13
C GLY B 326 -13.55 -38.42 0.02
C1 NAG C . 4.30 8.38 17.97
C2 NAG C . 4.69 7.68 16.66
C3 NAG C . 3.58 7.82 15.58
C4 NAG C . 2.16 7.57 16.13
C5 NAG C . 1.95 8.32 17.46
C6 NAG C . 0.63 7.99 18.12
C7 NAG C . 7.07 7.54 16.18
C8 NAG C . 7.94 7.65 17.43
N2 NAG C . 5.93 8.24 16.16
O3 NAG C . 3.84 6.89 14.54
O4 NAG C . 1.18 8.02 15.17
O5 NAG C . 2.99 7.96 18.40
O6 NAG C . -0.46 8.29 17.25
O7 NAG C . 7.43 6.84 15.24
C1 NAG C . 0.74 7.08 14.24
C2 NAG C . -0.73 7.32 13.90
C3 NAG C . -1.17 6.26 12.87
C4 NAG C . -0.24 6.35 11.65
C5 NAG C . 1.21 6.20 12.08
C6 NAG C . 2.18 6.37 10.93
C7 NAG C . -2.73 7.86 15.12
C8 NAG C . -2.80 9.13 15.95
N2 NAG C . -1.56 7.22 15.08
O3 NAG C . -2.51 6.48 12.48
O4 NAG C . -0.59 5.33 10.69
O5 NAG C . 1.54 7.20 13.06
O6 NAG C . 3.50 6.04 11.33
O7 NAG C . -3.73 7.45 14.53
C1 BMA C . -1.11 5.79 9.50
C2 BMA C . -0.86 4.75 8.41
C3 BMA C . -1.53 5.22 7.12
C4 BMA C . -3.02 5.39 7.38
C5 BMA C . -3.20 6.43 8.48
C6 BMA C . -4.64 6.65 8.84
O2 BMA C . -1.41 3.51 8.81
O3 BMA C . -1.30 4.26 6.06
O4 BMA C . -3.69 5.81 6.20
O5 BMA C . -2.51 6.00 9.69
O6 BMA C . -5.06 5.58 9.72
C1 MAN C . -6.09 5.99 10.58
C2 MAN C . -6.27 4.93 11.67
C3 MAN C . -6.75 3.64 11.02
C4 MAN C . -8.04 3.88 10.23
C5 MAN C . -7.83 5.02 9.23
C6 MAN C . -9.11 5.42 8.50
O2 MAN C . -7.23 5.38 12.61
O3 MAN C . -6.97 2.64 12.04
O4 MAN C . -8.42 2.70 9.55
O5 MAN C . -7.31 6.19 9.89
O6 MAN C . -10.10 5.89 9.46
C1 MAN C . -6.01 1.61 12.09
C2 MAN C . -6.23 0.63 10.92
C3 MAN C . -7.50 -0.19 11.16
C4 MAN C . -7.44 -0.89 12.52
C5 MAN C . -7.22 0.16 13.61
C6 MAN C . -7.06 -0.46 14.99
O2 MAN C . -5.10 -0.23 10.83
O3 MAN C . -7.65 -1.16 10.13
O4 MAN C . -8.66 -1.58 12.78
O5 MAN C . -6.00 0.92 13.34
O6 MAN C . -8.32 -0.85 15.52
C1 MAN C . -10.04 7.28 9.66
C2 MAN C . -10.77 7.66 10.95
C3 MAN C . -12.26 7.39 10.79
C4 MAN C . -12.81 8.14 9.57
C5 MAN C . -12.00 7.84 8.31
C6 MAN C . -12.38 8.75 7.16
O2 MAN C . -10.56 9.03 11.24
O3 MAN C . -12.94 7.84 11.96
O4 MAN C . -14.15 7.75 9.35
O5 MAN C . -10.58 8.02 8.55
O6 MAN C . -12.57 10.09 7.61
C1 MAN C . 0.05 3.98 5.79
C2 MAN C . 0.24 3.46 4.35
C3 MAN C . -0.25 2.01 4.21
C4 MAN C . 0.35 1.11 5.31
C5 MAN C . 0.07 1.72 6.68
C6 MAN C . 0.70 0.93 7.81
O2 MAN C . 1.60 3.56 3.98
O3 MAN C . 0.11 1.50 2.93
O4 MAN C . -0.23 -0.19 5.25
O5 MAN C . 0.63 3.07 6.73
O6 MAN C . -0.15 -0.13 8.21
C1 NAG D . 15.87 2.69 0.79
C2 NAG D . 15.01 3.36 1.85
C3 NAG D . 15.11 2.57 3.15
C4 NAG D . 14.70 1.12 2.90
C5 NAG D . 15.45 0.50 1.71
C6 NAG D . 14.85 -0.83 1.30
C7 NAG D . 14.55 5.73 1.91
C8 NAG D . 13.72 6.13 3.12
N2 NAG D . 15.42 4.73 2.07
O3 NAG D . 14.27 3.15 4.14
O4 NAG D . 15.03 0.36 4.08
O5 NAG D . 15.39 1.36 0.55
O6 NAG D . 15.47 -1.31 0.11
O7 NAG D . 14.38 6.30 0.84
C1 NAG D . 13.99 -0.03 4.90
C2 NAG D . 14.26 -1.45 5.35
C3 NAG D . 13.15 -1.89 6.30
C4 NAG D . 13.07 -0.92 7.48
C5 NAG D . 12.97 0.54 6.99
C6 NAG D . 13.15 1.54 8.11
C7 NAG D . 15.44 -3.05 3.96
C8 NAG D . 16.73 -2.68 4.69
N2 NAG D . 14.34 -2.34 4.21
O3 NAG D . 13.43 -3.21 6.77
O4 NAG D . 11.90 -1.24 8.26
O5 NAG D . 14.01 0.84 6.03
O6 NAG D . 13.99 2.62 7.71
O7 NAG D . 15.45 -3.97 3.16
C1 BMA D . 12.10 -1.99 9.42
C2 BMA D . 10.87 -1.87 10.31
C3 BMA D . 11.05 -2.77 11.55
C4 BMA D . 11.32 -4.20 11.10
C5 BMA D . 12.52 -4.21 10.17
C6 BMA D . 12.88 -5.59 9.63
O2 BMA D . 9.71 -2.28 9.59
O3 BMA D . 9.87 -2.73 12.37
O4 BMA D . 11.57 -5.02 12.24
O5 BMA D . 12.27 -3.36 9.03
O6 BMA D . 11.73 -6.22 9.02
C1 MAN D . 12.04 -7.52 8.62
C2 MAN D . 10.82 -8.18 7.99
C3 MAN D . 9.71 -8.38 9.04
C4 MAN D . 10.26 -9.06 10.31
C5 MAN D . 11.57 -8.41 10.79
C6 MAN D . 12.28 -9.16 11.92
O2 MAN D . 11.19 -9.42 7.43
O3 MAN D . 8.67 -9.20 8.47
O4 MAN D . 9.28 -8.95 11.34
O5 MAN D . 12.50 -8.33 9.69
O6 MAN D . 12.70 -10.47 11.48
C1 MAN D . 7.89 -8.61 7.46
C2 MAN D . 6.41 -8.67 7.82
C3 MAN D . 5.85 -10.09 7.65
C4 MAN D . 6.18 -10.64 6.25
C5 MAN D . 7.68 -10.54 5.98
C6 MAN D . 8.05 -10.95 4.56
O2 MAN D . 5.67 -7.77 7.00
O3 MAN D . 4.44 -10.08 7.82
O4 MAN D . 5.77 -12.00 6.16
O5 MAN D . 8.13 -9.16 6.16
O6 MAN D . 7.32 -12.10 4.15
C1 BMA D . 11.75 -11.45 11.78
C2 BMA D . 11.96 -12.73 10.96
C3 BMA D . 10.77 -13.66 11.18
C4 BMA D . 10.52 -13.91 12.69
C5 BMA D . 10.54 -12.60 13.51
C6 BMA D . 10.62 -12.84 15.01
O2 BMA D . 13.16 -13.37 11.37
O3 BMA D . 10.98 -14.90 10.52
O4 BMA D . 9.25 -14.54 12.86
O5 BMA D . 11.69 -11.79 13.17
O6 BMA D . 10.73 -11.62 15.72
C1 MAN D . 9.65 -1.53 13.06
C2 MAN D . 8.61 -1.78 14.16
C3 MAN D . 7.24 -2.07 13.52
C4 MAN D . 6.84 -0.93 12.55
C5 MAN D . 7.95 -0.78 11.52
C6 MAN D . 7.69 0.32 10.51
O2 MAN D . 8.54 -0.65 15.01
O3 MAN D . 6.24 -2.20 14.52
O4 MAN D . 5.63 -1.25 11.90
O5 MAN D . 9.21 -0.49 12.18
O6 MAN D . 7.23 -0.22 9.28
S SO4 E . 15.57 1.20 -11.89
O1 SO4 E . 16.88 1.45 -12.52
O2 SO4 E . 15.03 -0.10 -12.34
O3 SO4 E . 15.73 1.18 -10.42
O4 SO4 E . 14.63 2.28 -12.28
S SO4 F . 0.27 27.45 -2.47
O1 SO4 F . -0.72 28.54 -2.59
O2 SO4 F . 1.03 27.29 -3.72
O3 SO4 F . 1.20 27.72 -1.36
O4 SO4 F . -0.47 26.20 -2.20
S SO4 G . -26.17 15.70 -0.37
O1 SO4 G . -27.38 16.42 -0.82
O2 SO4 G . -26.42 14.25 -0.48
O3 SO4 G . -25.02 16.07 -1.20
O4 SO4 G . -25.90 16.05 1.05
S SO4 H . -3.87 -5.83 10.02
O1 SO4 H . -4.65 -5.82 8.76
O2 SO4 H . -2.57 -6.48 9.79
O3 SO4 H . -3.70 -4.44 10.47
O4 SO4 H . -4.60 -6.61 11.05
C1 GOL I . -15.40 3.25 9.78
O1 GOL I . -15.49 4.82 10.16
C2 GOL I . -16.49 2.44 9.41
O2 GOL I . -17.65 2.93 9.87
C3 GOL I . -16.09 1.52 8.76
O3 GOL I . -15.12 0.56 8.01
C1 GOL J . -13.71 -21.32 19.64
O1 GOL J . -14.55 -22.36 18.74
C2 GOL J . -13.76 -21.20 21.03
O2 GOL J . -13.22 -20.02 21.44
C3 GOL J . -14.29 -22.17 21.52
O3 GOL J . -15.00 -23.57 21.62
#